data_1SSL
#
_entry.id   1SSL
#
_entity_poly.entity_id   1
_entity_poly.type   'polypeptide(L)'
_entity_poly.pdbx_seq_one_letter_code
;GSAMGCRHFQSCSQCLSAPPFVQCGWCHDKCVRSEECLSGTWTQQICL
;
_entity_poly.pdbx_strand_id   A
#
# COMPACT_ATOMS: atom_id res chain seq x y z
N GLY A 1 14.61 -10.23 -7.17
CA GLY A 1 13.31 -10.85 -6.77
C GLY A 1 12.47 -9.82 -6.01
N SER A 2 11.31 -9.49 -6.50
CA SER A 2 10.45 -8.51 -5.79
C SER A 2 8.99 -8.99 -5.77
N ALA A 3 8.50 -9.37 -4.63
CA ALA A 3 7.09 -9.85 -4.55
C ALA A 3 6.65 -9.95 -3.09
N MET A 4 5.48 -10.48 -2.86
CA MET A 4 4.99 -10.62 -1.45
C MET A 4 5.08 -9.27 -0.74
N GLY A 5 4.66 -8.22 -1.38
CA GLY A 5 4.73 -6.87 -0.73
C GLY A 5 3.59 -5.99 -1.26
N CYS A 6 2.99 -5.22 -0.40
CA CYS A 6 1.87 -4.33 -0.84
C CYS A 6 2.37 -3.41 -1.96
N ARG A 7 3.61 -2.98 -1.88
CA ARG A 7 4.16 -2.08 -2.94
C ARG A 7 4.26 -2.85 -4.25
N HIS A 8 4.22 -4.15 -4.20
CA HIS A 8 4.32 -4.96 -5.45
C HIS A 8 2.92 -5.14 -6.05
N PHE A 9 1.90 -5.00 -5.27
CA PHE A 9 0.52 -5.16 -5.80
C PHE A 9 0.28 -4.14 -6.94
N GLN A 10 -0.12 -4.61 -8.09
CA GLN A 10 -0.37 -3.67 -9.22
C GLN A 10 -1.60 -2.80 -8.95
N SER A 11 -2.60 -3.34 -8.32
CA SER A 11 -3.82 -2.55 -8.03
C SER A 11 -3.96 -2.27 -6.54
N CYS A 12 -5.08 -1.73 -6.12
CA CYS A 12 -5.28 -1.44 -4.68
C CYS A 12 -6.05 -2.59 -4.02
N SER A 13 -6.56 -3.51 -4.80
CA SER A 13 -7.32 -4.65 -4.22
C SER A 13 -6.47 -5.38 -3.18
N GLN A 14 -5.34 -5.90 -3.58
CA GLN A 14 -4.46 -6.63 -2.62
C GLN A 14 -3.79 -5.66 -1.64
N CYS A 15 -3.61 -4.43 -2.04
CA CYS A 15 -2.98 -3.43 -1.13
C CYS A 15 -3.80 -3.28 0.14
N LEU A 16 -5.10 -3.30 0.02
CA LEU A 16 -5.96 -3.17 1.22
C LEU A 16 -6.65 -4.50 1.53
N SER A 17 -6.40 -5.52 0.74
CA SER A 17 -7.03 -6.84 1.01
C SER A 17 -6.04 -7.78 1.70
N ALA A 18 -4.80 -7.39 1.80
CA ALA A 18 -3.80 -8.29 2.46
C ALA A 18 -2.81 -7.45 3.28
N PRO A 19 -3.34 -6.75 4.25
CA PRO A 19 -2.51 -5.89 5.13
C PRO A 19 -1.68 -6.70 6.16
N PRO A 20 -2.15 -7.86 6.57
CA PRO A 20 -1.38 -8.65 7.56
C PRO A 20 -0.15 -9.28 6.92
N PHE A 21 -0.10 -9.29 5.62
CA PHE A 21 1.08 -9.89 4.92
C PHE A 21 1.91 -8.79 4.27
N VAL A 22 1.42 -7.57 4.29
CA VAL A 22 2.18 -6.44 3.69
C VAL A 22 2.23 -5.26 4.65
N GLN A 23 3.01 -4.25 4.33
CA GLN A 23 3.10 -3.08 5.24
C GLN A 23 2.89 -1.77 4.45
N CYS A 24 2.92 -1.83 3.15
CA CYS A 24 2.74 -0.60 2.34
C CYS A 24 1.26 -0.22 2.26
N GLY A 25 0.97 0.92 1.66
CA GLY A 25 -0.43 1.39 1.53
C GLY A 25 -0.53 2.25 0.27
N TRP A 26 -1.68 2.80 -0.01
CA TRP A 26 -1.79 3.63 -1.24
C TRP A 26 -1.41 5.08 -0.88
N CYS A 27 -0.61 5.72 -1.70
CA CYS A 27 -0.18 7.10 -1.38
C CYS A 27 -0.33 8.03 -2.58
N HIS A 28 -1.40 8.77 -2.63
CA HIS A 28 -1.63 9.73 -3.77
C HIS A 28 -1.35 9.11 -5.14
N ASP A 29 -1.17 7.81 -5.26
CA ASP A 29 -0.91 7.22 -6.60
C ASP A 29 -0.47 5.75 -6.50
N LYS A 30 0.78 5.52 -6.22
CA LYS A 30 1.28 4.11 -6.13
C LYS A 30 1.14 3.57 -4.70
N CYS A 31 1.18 2.28 -4.55
CA CYS A 31 1.04 1.69 -3.19
C CYS A 31 2.39 1.69 -2.47
N VAL A 32 2.56 2.58 -1.53
CA VAL A 32 3.83 2.64 -0.77
C VAL A 32 3.54 3.05 0.68
N ARG A 33 4.53 3.07 1.53
CA ARG A 33 4.28 3.46 2.94
C ARG A 33 4.96 4.79 3.26
N SER A 34 4.74 5.31 4.43
CA SER A 34 5.36 6.61 4.81
C SER A 34 6.81 6.68 4.32
N GLU A 35 7.60 5.68 4.62
CA GLU A 35 9.02 5.69 4.17
C GLU A 35 9.12 6.14 2.71
N GLU A 36 8.08 5.92 1.94
CA GLU A 36 8.12 6.33 0.51
C GLU A 36 7.41 7.67 0.33
N CYS A 37 6.33 7.90 1.04
CA CYS A 37 5.60 9.18 0.92
C CYS A 37 6.42 10.32 1.53
N LEU A 38 6.94 11.21 0.73
CA LEU A 38 7.74 12.34 1.28
C LEU A 38 6.81 13.39 1.88
N SER A 39 5.53 13.26 1.66
CA SER A 39 4.58 14.25 2.22
C SER A 39 4.13 13.82 3.63
N GLY A 40 4.29 12.56 3.94
CA GLY A 40 3.87 12.09 5.29
C GLY A 40 2.41 11.60 5.23
N THR A 41 1.77 11.76 4.09
CA THR A 41 0.35 11.31 3.97
C THR A 41 0.30 9.86 3.47
N TRP A 42 -0.43 9.02 4.14
CA TRP A 42 -0.52 7.60 3.71
C TRP A 42 -1.98 7.12 3.78
N THR A 43 -2.55 6.71 2.68
CA THR A 43 -3.97 6.25 2.72
C THR A 43 -4.06 4.74 2.46
N GLN A 44 -4.75 4.04 3.32
CA GLN A 44 -4.89 2.57 3.14
C GLN A 44 -6.38 2.22 2.96
N GLN A 45 -7.14 3.11 2.38
CA GLN A 45 -8.59 2.84 2.17
C GLN A 45 -9.08 3.60 0.93
N ILE A 46 -9.31 2.90 -0.15
CA ILE A 46 -9.79 3.59 -1.39
C ILE A 46 -10.76 2.68 -2.16
N CYS A 47 -10.39 1.45 -2.37
CA CYS A 47 -11.29 0.52 -3.11
C CYS A 47 -12.44 0.07 -2.22
N LEU A 48 -13.53 -0.35 -2.81
CA LEU A 48 -14.68 -0.82 -1.99
C LEU A 48 -14.86 -2.33 -2.14
N GLY A 1 8.23 -13.41 -8.76
CA GLY A 1 6.90 -14.03 -9.07
C GLY A 1 6.06 -14.07 -7.80
N SER A 2 6.66 -14.32 -6.67
CA SER A 2 5.88 -14.37 -5.40
C SER A 2 5.67 -12.96 -4.86
N ALA A 3 4.87 -12.82 -3.84
CA ALA A 3 4.62 -11.46 -3.27
C ALA A 3 5.50 -11.23 -2.04
N MET A 4 6.36 -10.25 -2.11
CA MET A 4 7.25 -9.95 -0.95
C MET A 4 6.83 -8.62 -0.31
N GLY A 5 5.66 -8.15 -0.64
CA GLY A 5 5.19 -6.85 -0.05
C GLY A 5 4.15 -6.24 -0.98
N CYS A 6 3.09 -5.71 -0.43
CA CYS A 6 2.03 -5.09 -1.29
C CYS A 6 2.66 -4.09 -2.27
N ARG A 7 3.86 -3.63 -1.99
CA ARG A 7 4.52 -2.67 -2.92
C ARG A 7 4.57 -3.23 -4.34
N HIS A 8 4.39 -4.51 -4.49
CA HIS A 8 4.44 -5.12 -5.85
C HIS A 8 3.02 -5.41 -6.35
N PHE A 9 2.06 -5.46 -5.46
CA PHE A 9 0.65 -5.73 -5.88
C PHE A 9 0.32 -4.89 -7.12
N GLN A 10 -0.63 -5.32 -7.90
CA GLN A 10 -1.00 -4.55 -9.11
C GLN A 10 -1.72 -3.25 -8.71
N SER A 11 -3.01 -3.29 -8.55
CA SER A 11 -3.76 -2.06 -8.18
C SER A 11 -3.90 -1.96 -6.65
N CYS A 12 -4.71 -1.06 -6.19
CA CYS A 12 -4.90 -0.91 -4.71
C CYS A 12 -5.76 -2.04 -4.17
N SER A 13 -6.28 -2.87 -5.03
CA SER A 13 -7.13 -3.99 -4.57
C SER A 13 -6.35 -4.88 -3.59
N GLN A 14 -5.27 -5.45 -4.03
CA GLN A 14 -4.46 -6.33 -3.13
C GLN A 14 -3.79 -5.49 -2.04
N CYS A 15 -3.39 -4.29 -2.36
CA CYS A 15 -2.72 -3.43 -1.35
C CYS A 15 -3.60 -3.31 -0.10
N LEU A 16 -4.89 -3.22 -0.28
CA LEU A 16 -5.79 -3.11 0.90
C LEU A 16 -6.52 -4.44 1.15
N SER A 17 -6.29 -5.42 0.34
CA SER A 17 -6.97 -6.73 0.54
C SER A 17 -6.07 -7.68 1.34
N ALA A 18 -4.83 -7.30 1.53
CA ALA A 18 -3.90 -8.17 2.30
C ALA A 18 -2.96 -7.33 3.16
N PRO A 19 -3.55 -6.61 4.08
CA PRO A 19 -2.78 -5.74 4.99
C PRO A 19 -1.99 -6.53 6.07
N PRO A 20 -2.48 -7.69 6.47
CA PRO A 20 -1.76 -8.47 7.50
C PRO A 20 -0.52 -9.14 6.89
N PHE A 21 -0.55 -9.42 5.62
CA PHE A 21 0.62 -10.07 4.97
C PHE A 21 1.49 -9.01 4.28
N VAL A 22 1.20 -7.76 4.49
CA VAL A 22 2.00 -6.69 3.84
C VAL A 22 2.20 -5.52 4.82
N GLN A 23 2.71 -4.41 4.35
CA GLN A 23 2.93 -3.26 5.25
C GLN A 23 2.72 -1.92 4.52
N CYS A 24 3.07 -1.85 3.27
CA CYS A 24 2.90 -0.57 2.52
C CYS A 24 1.41 -0.20 2.41
N GLY A 25 1.14 0.98 1.92
CA GLY A 25 -0.27 1.43 1.77
C GLY A 25 -0.35 2.36 0.56
N TRP A 26 -1.49 2.90 0.27
CA TRP A 26 -1.58 3.82 -0.90
C TRP A 26 -1.26 5.24 -0.45
N CYS A 27 -0.53 5.98 -1.26
CA CYS A 27 -0.16 7.36 -0.86
C CYS A 27 -0.28 8.35 -2.02
N HIS A 28 -1.35 9.10 -2.05
CA HIS A 28 -1.54 10.12 -3.12
C HIS A 28 -1.20 9.59 -4.53
N ASP A 29 -1.13 8.30 -4.72
CA ASP A 29 -0.81 7.80 -6.09
C ASP A 29 -0.55 6.29 -6.10
N LYS A 30 0.65 5.87 -5.81
CA LYS A 30 0.96 4.41 -5.83
C LYS A 30 0.95 3.83 -4.42
N CYS A 31 1.21 2.56 -4.30
CA CYS A 31 1.21 1.92 -2.96
C CYS A 31 2.57 2.06 -2.28
N VAL A 32 2.67 2.93 -1.30
CA VAL A 32 3.95 3.11 -0.58
C VAL A 32 3.67 3.32 0.91
N ARG A 33 4.70 3.35 1.73
CA ARG A 33 4.45 3.54 3.19
C ARG A 33 5.05 4.87 3.66
N SER A 34 4.69 5.30 4.84
CA SER A 34 5.22 6.60 5.35
C SER A 34 6.71 6.75 5.02
N GLU A 35 7.43 5.66 4.96
CA GLU A 35 8.89 5.75 4.66
C GLU A 35 9.11 6.21 3.22
N GLU A 36 8.15 5.99 2.36
CA GLU A 36 8.31 6.41 0.94
C GLU A 36 7.23 7.43 0.55
N CYS A 37 6.34 7.75 1.45
CA CYS A 37 5.28 8.74 1.13
C CYS A 37 5.87 10.15 1.01
N LEU A 38 6.47 10.46 -0.11
CA LEU A 38 7.06 11.82 -0.27
C LEU A 38 6.00 12.88 0.03
N SER A 39 4.75 12.51 -0.04
CA SER A 39 3.66 13.50 0.25
C SER A 39 3.64 13.83 1.74
N GLY A 40 3.60 12.84 2.59
CA GLY A 40 3.58 13.10 4.05
C GLY A 40 2.38 12.42 4.69
N THR A 41 1.42 12.01 3.90
CA THR A 41 0.22 11.34 4.45
C THR A 41 0.07 9.92 3.91
N TRP A 42 0.05 8.94 4.78
CA TRP A 42 -0.09 7.53 4.32
C TRP A 42 -1.55 7.09 4.45
N THR A 43 -2.11 6.51 3.41
CA THR A 43 -3.53 6.07 3.48
C THR A 43 -3.67 4.64 2.94
N GLN A 44 -4.48 3.83 3.58
CA GLN A 44 -4.65 2.43 3.09
C GLN A 44 -6.13 2.06 3.02
N GLN A 45 -6.96 2.98 2.60
CA GLN A 45 -8.42 2.68 2.51
C GLN A 45 -9.02 3.41 1.30
N ILE A 46 -9.30 2.70 0.25
CA ILE A 46 -9.89 3.35 -0.96
C ILE A 46 -10.77 2.34 -1.71
N CYS A 47 -10.15 1.40 -2.37
CA CYS A 47 -10.93 0.39 -3.14
C CYS A 47 -11.09 -0.89 -2.31
N LEU A 48 -12.30 -1.34 -2.12
CA LEU A 48 -12.52 -2.57 -1.31
C LEU A 48 -12.18 -3.81 -2.14
N GLY A 1 0.55 -13.96 4.62
CA GLY A 1 1.74 -14.73 4.14
C GLY A 1 1.92 -14.49 2.64
N SER A 2 0.96 -14.89 1.85
CA SER A 2 1.07 -14.69 0.38
C SER A 2 1.06 -13.20 0.04
N ALA A 3 2.21 -12.56 0.08
CA ALA A 3 2.26 -11.10 -0.24
C ALA A 3 3.69 -10.60 -0.13
N MET A 4 4.41 -11.04 0.88
CA MET A 4 5.82 -10.59 1.05
C MET A 4 5.92 -9.07 0.84
N GLY A 5 4.89 -8.35 1.16
CA GLY A 5 4.94 -6.87 0.98
C GLY A 5 4.01 -6.45 -0.16
N CYS A 6 3.16 -5.48 0.09
CA CYS A 6 2.23 -5.02 -0.99
C CYS A 6 2.92 -4.00 -1.89
N ARG A 7 4.17 -3.71 -1.62
CA ARG A 7 4.92 -2.73 -2.46
C ARG A 7 4.99 -3.23 -3.90
N HIS A 8 4.86 -4.51 -4.12
CA HIS A 8 4.92 -5.04 -5.51
C HIS A 8 3.53 -5.40 -6.02
N PHE A 9 2.53 -5.20 -5.20
CA PHE A 9 1.13 -5.54 -5.64
C PHE A 9 0.81 -4.79 -6.93
N GLN A 10 -0.26 -5.15 -7.59
CA GLN A 10 -0.63 -4.46 -8.85
C GLN A 10 -1.23 -3.09 -8.53
N SER A 11 -2.51 -3.02 -8.30
CA SER A 11 -3.15 -1.71 -7.98
C SER A 11 -3.33 -1.57 -6.47
N CYS A 12 -4.39 -0.93 -6.05
CA CYS A 12 -4.62 -0.77 -4.58
C CYS A 12 -5.53 -1.87 -4.07
N SER A 13 -6.03 -2.70 -4.94
CA SER A 13 -6.93 -3.80 -4.49
C SER A 13 -6.20 -4.72 -3.51
N GLN A 14 -5.12 -5.32 -3.93
CA GLN A 14 -4.37 -6.22 -3.01
C GLN A 14 -3.72 -5.42 -1.88
N CYS A 15 -3.32 -4.21 -2.16
CA CYS A 15 -2.68 -3.37 -1.10
C CYS A 15 -3.61 -3.26 0.11
N LEU A 16 -4.89 -3.14 -0.12
CA LEU A 16 -5.84 -3.02 1.03
C LEU A 16 -6.57 -4.35 1.26
N SER A 17 -6.43 -5.29 0.37
CA SER A 17 -7.11 -6.60 0.55
C SER A 17 -6.24 -7.52 1.42
N ALA A 18 -5.00 -7.18 1.61
CA ALA A 18 -4.12 -8.05 2.45
C ALA A 18 -3.15 -7.19 3.25
N PRO A 19 -3.71 -6.40 4.13
CA PRO A 19 -2.89 -5.50 4.99
C PRO A 19 -2.14 -6.27 6.11
N PRO A 20 -2.68 -7.38 6.57
CA PRO A 20 -1.99 -8.13 7.65
C PRO A 20 -0.79 -8.89 7.10
N PHE A 21 -0.74 -9.06 5.80
CA PHE A 21 0.41 -9.80 5.19
C PHE A 21 1.36 -8.83 4.48
N VAL A 22 1.07 -7.56 4.52
CA VAL A 22 1.96 -6.57 3.83
C VAL A 22 2.36 -5.43 4.77
N GLN A 23 2.93 -4.39 4.22
CA GLN A 23 3.35 -3.24 5.08
C GLN A 23 3.10 -1.91 4.35
N CYS A 24 3.31 -1.88 3.06
CA CYS A 24 3.10 -0.61 2.30
C CYS A 24 1.61 -0.22 2.31
N GLY A 25 1.29 0.92 1.78
CA GLY A 25 -0.13 1.37 1.76
C GLY A 25 -0.36 2.26 0.54
N TRP A 26 -1.55 2.77 0.38
CA TRP A 26 -1.83 3.65 -0.79
C TRP A 26 -1.47 5.10 -0.45
N CYS A 27 -0.83 5.80 -1.34
CA CYS A 27 -0.46 7.21 -1.03
C CYS A 27 -0.69 8.13 -2.23
N HIS A 28 -1.79 8.83 -2.22
CA HIS A 28 -2.12 9.79 -3.33
C HIS A 28 -2.08 9.16 -4.73
N ASP A 29 -1.77 7.89 -4.89
CA ASP A 29 -1.74 7.31 -6.27
C ASP A 29 -1.12 5.91 -6.28
N LYS A 30 0.16 5.81 -6.01
CA LYS A 30 0.82 4.46 -6.02
C LYS A 30 0.74 3.80 -4.64
N CYS A 31 1.04 2.54 -4.58
CA CYS A 31 1.00 1.83 -3.27
C CYS A 31 2.37 1.90 -2.58
N VAL A 32 2.49 2.72 -1.58
CA VAL A 32 3.79 2.82 -0.87
C VAL A 32 3.54 3.15 0.60
N ARG A 33 4.57 3.15 1.41
CA ARG A 33 4.37 3.48 2.85
C ARG A 33 5.01 4.82 3.18
N SER A 34 4.82 5.30 4.38
CA SER A 34 5.41 6.62 4.76
C SER A 34 6.85 6.72 4.25
N GLU A 35 7.51 5.62 4.05
CA GLU A 35 8.91 5.67 3.55
C GLU A 35 8.97 6.12 2.09
N GLU A 36 7.99 5.74 1.31
CA GLU A 36 8.00 6.14 -0.13
C GLU A 36 6.92 7.19 -0.39
N CYS A 37 6.15 7.55 0.60
CA CYS A 37 5.08 8.57 0.39
C CYS A 37 5.72 9.95 0.21
N LEU A 38 5.28 10.69 -0.78
CA LEU A 38 5.86 12.05 -1.02
C LEU A 38 5.83 12.88 0.27
N SER A 39 4.85 12.68 1.09
CA SER A 39 4.78 13.46 2.36
C SER A 39 4.59 12.53 3.56
N GLY A 40 4.22 13.06 4.69
CA GLY A 40 4.03 12.20 5.89
C GLY A 40 2.58 11.68 5.92
N THR A 41 1.93 11.64 4.80
CA THR A 41 0.52 11.15 4.76
C THR A 41 0.47 9.73 4.19
N TRP A 42 -0.25 8.86 4.82
CA TRP A 42 -0.35 7.46 4.31
C TRP A 42 -1.79 6.98 4.42
N THR A 43 -2.38 6.52 3.34
CA THR A 43 -3.79 6.04 3.41
C THR A 43 -3.89 4.57 3.00
N GLN A 44 -4.82 3.85 3.56
CA GLN A 44 -4.97 2.41 3.21
C GLN A 44 -6.44 2.10 2.94
N GLN A 45 -7.18 3.06 2.42
CA GLN A 45 -8.62 2.81 2.14
C GLN A 45 -9.05 3.61 0.90
N ILE A 46 -9.21 2.96 -0.21
CA ILE A 46 -9.62 3.68 -1.45
C ILE A 46 -10.45 2.75 -2.36
N CYS A 47 -10.02 1.53 -2.50
CA CYS A 47 -10.76 0.58 -3.38
C CYS A 47 -11.12 -0.69 -2.59
N LEU A 48 -12.32 -1.15 -2.72
CA LEU A 48 -12.73 -2.39 -1.98
C LEU A 48 -12.38 -3.63 -2.81
N GLY A 1 9.05 -4.07 10.71
CA GLY A 1 10.20 -4.02 9.76
C GLY A 1 9.68 -3.74 8.35
N SER A 2 10.48 -3.09 7.54
CA SER A 2 10.03 -2.78 6.15
C SER A 2 10.68 -3.75 5.17
N ALA A 3 9.88 -4.45 4.39
CA ALA A 3 10.45 -5.41 3.41
C ALA A 3 9.83 -5.20 2.02
N MET A 4 8.86 -5.99 1.65
CA MET A 4 8.23 -5.81 0.32
C MET A 4 7.08 -6.79 0.12
N GLY A 5 5.94 -6.47 0.68
CA GLY A 5 4.76 -7.38 0.52
C GLY A 5 3.78 -6.75 -0.46
N CYS A 6 3.12 -5.69 -0.07
CA CYS A 6 2.15 -5.02 -0.99
C CYS A 6 2.87 -3.92 -1.79
N ARG A 7 4.10 -3.63 -1.43
CA ARG A 7 4.85 -2.57 -2.16
C ARG A 7 4.96 -2.91 -3.65
N HIS A 8 4.80 -4.16 -4.00
CA HIS A 8 4.90 -4.53 -5.44
C HIS A 8 3.52 -4.93 -5.99
N PHE A 9 2.52 -4.96 -5.15
CA PHE A 9 1.16 -5.33 -5.62
C PHE A 9 0.85 -4.59 -6.92
N GLN A 10 -0.12 -5.04 -7.66
CA GLN A 10 -0.48 -4.36 -8.94
C GLN A 10 -1.30 -3.10 -8.66
N SER A 11 -2.53 -3.26 -8.22
CA SER A 11 -3.38 -2.08 -7.94
C SER A 11 -3.75 -2.03 -6.46
N CYS A 12 -4.66 -1.17 -6.09
CA CYS A 12 -5.06 -1.07 -4.65
C CYS A 12 -5.84 -2.32 -4.23
N SER A 13 -6.15 -3.19 -5.16
CA SER A 13 -6.92 -4.41 -4.80
C SER A 13 -6.21 -5.19 -3.68
N GLN A 14 -5.00 -5.61 -3.91
CA GLN A 14 -4.27 -6.36 -2.85
C GLN A 14 -3.65 -5.38 -1.85
N CYS A 15 -3.44 -4.15 -2.27
CA CYS A 15 -2.84 -3.16 -1.34
C CYS A 15 -3.67 -3.07 -0.06
N LEU A 16 -4.96 -3.19 -0.16
CA LEU A 16 -5.82 -3.12 1.05
C LEU A 16 -6.44 -4.49 1.35
N SER A 17 -6.36 -5.42 0.43
CA SER A 17 -6.96 -6.76 0.68
C SER A 17 -5.94 -7.66 1.38
N ALA A 18 -4.72 -7.20 1.52
CA ALA A 18 -3.69 -8.03 2.19
C ALA A 18 -2.75 -7.14 3.01
N PRO A 19 -3.35 -6.36 3.88
CA PRO A 19 -2.58 -5.44 4.75
C PRO A 19 -1.83 -6.17 5.90
N PRO A 20 -2.34 -7.30 6.36
CA PRO A 20 -1.65 -8.01 7.46
C PRO A 20 -0.37 -8.67 6.97
N PHE A 21 -0.35 -9.14 5.76
CA PHE A 21 0.87 -9.79 5.23
C PHE A 21 1.77 -8.74 4.55
N VAL A 22 1.54 -7.49 4.87
CA VAL A 22 2.37 -6.41 4.23
C VAL A 22 2.47 -5.20 5.16
N GLN A 23 2.85 -4.07 4.61
CA GLN A 23 2.97 -2.84 5.45
C GLN A 23 2.70 -1.59 4.61
N CYS A 24 3.02 -1.61 3.34
CA CYS A 24 2.79 -0.40 2.48
C CYS A 24 1.28 -0.11 2.36
N GLY A 25 0.94 1.06 1.90
CA GLY A 25 -0.49 1.46 1.77
C GLY A 25 -0.67 2.29 0.50
N TRP A 26 -1.86 2.77 0.23
CA TRP A 26 -2.06 3.57 -1.01
C TRP A 26 -1.75 5.05 -0.72
N CYS A 27 -1.03 5.71 -1.61
CA CYS A 27 -0.66 7.12 -1.34
C CYS A 27 -0.85 8.00 -2.59
N HIS A 28 -1.94 8.73 -2.63
CA HIS A 28 -2.19 9.66 -3.79
C HIS A 28 -1.88 9.03 -5.15
N ASP A 29 -1.84 7.73 -5.24
CA ASP A 29 -1.56 7.11 -6.57
C ASP A 29 -1.39 5.59 -6.46
N LYS A 30 -0.19 5.13 -6.22
CA LYS A 30 0.02 3.65 -6.12
C LYS A 30 0.14 3.22 -4.66
N CYS A 31 0.34 1.96 -4.43
CA CYS A 31 0.45 1.46 -3.02
C CYS A 31 1.89 1.56 -2.51
N VAL A 32 2.16 2.52 -1.67
CA VAL A 32 3.52 2.68 -1.11
C VAL A 32 3.42 3.15 0.35
N ARG A 33 4.53 3.25 1.04
CA ARG A 33 4.48 3.71 2.46
C ARG A 33 5.48 4.84 2.69
N SER A 34 5.48 5.40 3.87
CA SER A 34 6.41 6.52 4.18
C SER A 34 7.77 6.30 3.50
N GLU A 35 8.18 5.06 3.36
CA GLU A 35 9.48 4.79 2.69
C GLU A 35 9.56 5.57 1.38
N GLU A 36 8.44 5.75 0.73
CA GLU A 36 8.43 6.50 -0.56
C GLU A 36 7.59 7.77 -0.43
N CYS A 37 6.48 7.69 0.26
CA CYS A 37 5.62 8.89 0.44
C CYS A 37 5.96 9.58 1.77
N LEU A 38 7.20 9.95 1.96
CA LEU A 38 7.59 10.63 3.23
C LEU A 38 7.16 12.10 3.20
N SER A 39 5.92 12.36 2.94
CA SER A 39 5.45 13.77 2.91
C SER A 39 4.47 14.03 4.05
N GLY A 40 3.82 13.01 4.53
CA GLY A 40 2.85 13.20 5.65
C GLY A 40 1.45 12.78 5.19
N THR A 41 1.36 12.01 4.14
CA THR A 41 0.02 11.57 3.65
C THR A 41 0.05 10.09 3.27
N TRP A 42 -0.76 9.29 3.92
CA TRP A 42 -0.80 7.83 3.60
C TRP A 42 -2.20 7.29 3.84
N THR A 43 -2.80 6.69 2.85
CA THR A 43 -4.19 6.16 3.04
C THR A 43 -4.24 4.64 2.84
N GLN A 44 -5.06 3.98 3.60
CA GLN A 44 -5.19 2.50 3.47
C GLN A 44 -6.65 2.14 3.17
N GLN A 45 -7.42 3.09 2.72
CA GLN A 45 -8.85 2.83 2.42
C GLN A 45 -9.30 3.66 1.21
N ILE A 46 -9.44 3.05 0.07
CA ILE A 46 -9.87 3.80 -1.14
C ILE A 46 -10.66 2.89 -2.08
N CYS A 47 -10.15 1.71 -2.35
CA CYS A 47 -10.86 0.78 -3.27
C CYS A 47 -11.74 -0.18 -2.47
N LEU A 48 -13.03 -0.18 -2.72
CA LEU A 48 -13.93 -1.09 -1.96
C LEU A 48 -13.82 -2.52 -2.53
N GLY A 1 15.27 -3.20 -0.45
CA GLY A 1 15.22 -2.76 0.97
C GLY A 1 13.87 -3.15 1.59
N SER A 2 13.85 -3.48 2.85
CA SER A 2 12.56 -3.87 3.49
C SER A 2 11.90 -5.00 2.71
N ALA A 3 10.72 -5.39 3.09
CA ALA A 3 10.03 -6.50 2.36
C ALA A 3 9.24 -5.93 1.18
N MET A 4 8.87 -6.77 0.24
CA MET A 4 8.11 -6.27 -0.94
C MET A 4 6.78 -7.03 -1.07
N GLY A 5 5.78 -6.63 -0.34
CA GLY A 5 4.47 -7.34 -0.41
C GLY A 5 3.41 -6.39 -0.97
N CYS A 6 3.02 -5.40 -0.20
CA CYS A 6 1.98 -4.45 -0.70
C CYS A 6 2.53 -3.62 -1.86
N ARG A 7 3.76 -3.20 -1.78
CA ARG A 7 4.35 -2.38 -2.88
C ARG A 7 4.46 -3.22 -4.16
N HIS A 8 4.64 -4.50 -4.02
CA HIS A 8 4.76 -5.36 -5.24
C HIS A 8 3.37 -5.56 -5.87
N PHE A 9 2.33 -5.39 -5.10
CA PHE A 9 0.96 -5.58 -5.67
C PHE A 9 0.76 -4.68 -6.88
N GLN A 10 -0.19 -5.00 -7.71
CA GLN A 10 -0.43 -4.16 -8.93
C GLN A 10 -1.48 -3.08 -8.63
N SER A 11 -2.72 -3.48 -8.45
CA SER A 11 -3.78 -2.48 -8.15
C SER A 11 -3.94 -2.30 -6.64
N CYS A 12 -4.95 -1.58 -6.22
CA CYS A 12 -5.16 -1.37 -4.76
C CYS A 12 -5.96 -2.53 -4.16
N SER A 13 -6.38 -3.46 -4.98
CA SER A 13 -7.17 -4.61 -4.46
C SER A 13 -6.35 -5.38 -3.41
N GLN A 14 -5.21 -5.90 -3.78
CA GLN A 14 -4.38 -6.65 -2.80
C GLN A 14 -3.80 -5.69 -1.76
N CYS A 15 -3.45 -4.50 -2.18
CA CYS A 15 -2.86 -3.52 -1.22
C CYS A 15 -3.74 -3.41 0.02
N LEU A 16 -5.02 -3.27 -0.14
CA LEU A 16 -5.92 -3.15 1.04
C LEU A 16 -6.61 -4.49 1.34
N SER A 17 -6.34 -5.50 0.55
CA SER A 17 -6.99 -6.82 0.80
C SER A 17 -6.03 -7.72 1.57
N ALA A 18 -4.79 -7.32 1.68
CA ALA A 18 -3.79 -8.17 2.42
C ALA A 18 -2.81 -7.26 3.18
N PRO A 19 -3.38 -6.43 4.01
CA PRO A 19 -2.56 -5.49 4.82
C PRO A 19 -1.80 -6.17 5.97
N PRO A 20 -2.31 -7.25 6.51
CA PRO A 20 -1.61 -7.92 7.64
C PRO A 20 -0.37 -8.65 7.13
N PHE A 21 -0.32 -8.96 5.87
CA PHE A 21 0.87 -9.67 5.32
C PHE A 21 1.79 -8.67 4.62
N VAL A 22 1.39 -7.43 4.57
CA VAL A 22 2.24 -6.40 3.90
C VAL A 22 2.37 -5.16 4.80
N GLN A 23 3.09 -4.17 4.35
CA GLN A 23 3.27 -2.94 5.18
C GLN A 23 3.00 -1.68 4.35
N CYS A 24 3.13 -1.75 3.06
CA CYS A 24 2.89 -0.53 2.22
C CYS A 24 1.41 -0.17 2.17
N GLY A 25 1.10 0.98 1.66
CA GLY A 25 -0.32 1.43 1.58
C GLY A 25 -0.49 2.31 0.34
N TRP A 26 -1.66 2.83 0.10
CA TRP A 26 -1.84 3.70 -1.10
C TRP A 26 -1.53 5.15 -0.74
N CYS A 27 -0.81 5.85 -1.58
CA CYS A 27 -0.47 7.26 -1.26
C CYS A 27 -0.85 8.19 -2.41
N HIS A 28 -1.97 8.85 -2.31
CA HIS A 28 -2.41 9.80 -3.37
C HIS A 28 -2.12 9.29 -4.79
N ASP A 29 -1.94 8.00 -4.98
CA ASP A 29 -1.67 7.51 -6.37
C ASP A 29 -1.22 6.04 -6.38
N LYS A 30 0.03 5.78 -6.13
CA LYS A 30 0.52 4.37 -6.17
C LYS A 30 0.51 3.75 -4.77
N CYS A 31 0.82 2.49 -4.67
CA CYS A 31 0.82 1.82 -3.34
C CYS A 31 2.22 1.87 -2.73
N VAL A 32 2.41 2.73 -1.75
CA VAL A 32 3.74 2.85 -1.09
C VAL A 32 3.52 3.21 0.39
N ARG A 33 4.56 3.28 1.15
CA ARG A 33 4.39 3.64 2.59
C ARG A 33 5.27 4.83 2.95
N SER A 34 5.15 5.32 4.15
CA SER A 34 5.97 6.50 4.58
C SER A 34 7.39 6.40 4.01
N GLU A 35 8.00 5.25 4.12
CA GLU A 35 9.39 5.10 3.58
C GLU A 35 9.45 5.66 2.16
N GLU A 36 8.36 5.61 1.44
CA GLU A 36 8.36 6.14 0.05
C GLU A 36 7.72 7.53 0.02
N CYS A 37 6.55 7.66 0.59
CA CYS A 37 5.87 8.99 0.59
C CYS A 37 6.40 9.85 1.75
N LEU A 38 7.28 10.76 1.46
CA LEU A 38 7.85 11.62 2.55
C LEU A 38 6.95 12.84 2.78
N SER A 39 5.81 12.89 2.14
CA SER A 39 4.91 14.05 2.33
C SER A 39 4.24 13.99 3.70
N GLY A 40 4.24 12.83 4.32
CA GLY A 40 3.60 12.71 5.67
C GLY A 40 2.14 12.28 5.50
N THR A 41 1.74 11.92 4.31
CA THR A 41 0.33 11.50 4.09
C THR A 41 0.28 10.06 3.57
N TRP A 42 -0.44 9.20 4.24
CA TRP A 42 -0.53 7.77 3.79
C TRP A 42 -1.96 7.27 3.97
N THR A 43 -2.51 6.64 2.96
CA THR A 43 -3.91 6.14 3.09
C THR A 43 -4.00 4.65 2.71
N GLN A 44 -4.97 3.97 3.23
CA GLN A 44 -5.12 2.52 2.90
C GLN A 44 -6.60 2.18 2.71
N GLN A 45 -7.37 3.11 2.20
CA GLN A 45 -8.82 2.86 1.99
C GLN A 45 -9.31 3.61 0.75
N ILE A 46 -9.53 2.92 -0.34
CA ILE A 46 -10.00 3.61 -1.57
C ILE A 46 -10.89 2.67 -2.39
N CYS A 47 -10.55 1.41 -2.44
CA CYS A 47 -11.38 0.44 -3.23
C CYS A 47 -11.81 -0.74 -2.36
N LEU A 48 -12.78 -1.49 -2.79
CA LEU A 48 -13.24 -2.66 -1.99
C LEU A 48 -12.59 -3.94 -2.51
N GLY A 1 -3.23 -15.10 -4.12
CA GLY A 1 -2.89 -16.48 -3.64
C GLY A 1 -2.51 -16.41 -2.16
N SER A 2 -1.24 -16.36 -1.86
CA SER A 2 -0.80 -16.29 -0.45
C SER A 2 -0.48 -14.84 -0.07
N ALA A 3 -0.21 -14.02 -1.04
CA ALA A 3 0.11 -12.59 -0.75
C ALA A 3 1.31 -12.49 0.19
N MET A 4 2.44 -12.07 -0.32
CA MET A 4 3.65 -11.94 0.54
C MET A 4 4.33 -10.59 0.29
N GLY A 5 3.56 -9.56 0.07
CA GLY A 5 4.17 -8.22 -0.17
C GLY A 5 3.20 -7.35 -0.98
N CYS A 6 2.81 -6.23 -0.46
CA CYS A 6 1.87 -5.34 -1.23
C CYS A 6 2.65 -4.46 -2.20
N ARG A 7 3.87 -4.12 -1.88
CA ARG A 7 4.66 -3.27 -2.81
C ARG A 7 4.81 -3.97 -4.17
N HIS A 8 4.49 -5.23 -4.23
CA HIS A 8 4.60 -5.97 -5.52
C HIS A 8 3.21 -6.16 -6.12
N PHE A 9 2.18 -5.94 -5.35
CA PHE A 9 0.80 -6.11 -5.88
C PHE A 9 0.62 -5.32 -7.17
N GLN A 10 -0.58 -5.27 -7.70
CA GLN A 10 -0.81 -4.52 -8.97
C GLN A 10 -1.35 -3.12 -8.67
N SER A 11 -2.57 -3.04 -8.20
CA SER A 11 -3.16 -1.69 -7.90
C SER A 11 -3.53 -1.60 -6.41
N CYS A 12 -4.56 -0.87 -6.08
CA CYS A 12 -4.95 -0.74 -4.66
C CYS A 12 -5.83 -1.92 -4.24
N SER A 13 -6.33 -2.67 -5.19
CA SER A 13 -7.20 -3.83 -4.85
C SER A 13 -6.52 -4.72 -3.81
N GLN A 14 -5.38 -5.26 -4.13
CA GLN A 14 -4.66 -6.13 -3.15
C GLN A 14 -3.86 -5.27 -2.17
N CYS A 15 -3.39 -4.15 -2.62
CA CYS A 15 -2.58 -3.26 -1.73
C CYS A 15 -3.40 -2.90 -0.48
N LEU A 16 -4.71 -2.89 -0.60
CA LEU A 16 -5.56 -2.55 0.57
C LEU A 16 -6.33 -3.79 1.04
N SER A 17 -6.39 -4.80 0.22
CA SER A 17 -7.14 -6.03 0.63
C SER A 17 -6.26 -6.92 1.51
N ALA A 18 -4.99 -6.63 1.60
CA ALA A 18 -4.11 -7.47 2.44
C ALA A 18 -3.05 -6.62 3.14
N PRO A 19 -3.52 -5.71 3.94
CA PRO A 19 -2.60 -4.83 4.70
C PRO A 19 -1.90 -5.56 5.86
N PRO A 20 -2.52 -6.57 6.44
CA PRO A 20 -1.87 -7.30 7.54
C PRO A 20 -0.80 -8.25 6.99
N PHE A 21 -1.02 -8.79 5.82
CA PHE A 21 -0.03 -9.73 5.23
C PHE A 21 1.04 -8.95 4.47
N VAL A 22 0.98 -7.65 4.50
CA VAL A 22 2.00 -6.84 3.77
C VAL A 22 2.52 -5.71 4.66
N GLN A 23 3.15 -4.72 4.10
CA GLN A 23 3.69 -3.60 4.92
C GLN A 23 3.42 -2.25 4.24
N CYS A 24 3.72 -2.15 2.98
CA CYS A 24 3.49 -0.85 2.26
C CYS A 24 1.99 -0.51 2.22
N GLY A 25 1.66 0.64 1.72
CA GLY A 25 0.24 1.06 1.66
C GLY A 25 0.04 2.01 0.47
N TRP A 26 -1.16 2.49 0.28
CA TRP A 26 -1.40 3.44 -0.85
C TRP A 26 -1.16 4.88 -0.39
N CYS A 27 -0.51 5.68 -1.19
CA CYS A 27 -0.25 7.08 -0.76
C CYS A 27 -0.40 8.06 -1.93
N HIS A 28 -1.53 8.71 -2.02
CA HIS A 28 -1.78 9.72 -3.10
C HIS A 28 -1.65 9.16 -4.53
N ASP A 29 -1.28 7.92 -4.71
CA ASP A 29 -1.17 7.39 -6.11
C ASP A 29 -0.49 6.01 -6.15
N LYS A 30 0.75 5.93 -5.76
CA LYS A 30 1.44 4.61 -5.80
C LYS A 30 1.32 3.89 -4.47
N CYS A 31 1.60 2.61 -4.45
CA CYS A 31 1.52 1.84 -3.18
C CYS A 31 2.88 1.88 -2.48
N VAL A 32 3.00 2.66 -1.45
CA VAL A 32 4.29 2.74 -0.71
C VAL A 32 4.01 2.99 0.78
N ARG A 33 5.02 3.00 1.59
CA ARG A 33 4.81 3.23 3.03
C ARG A 33 5.37 4.60 3.44
N SER A 34 5.02 5.07 4.61
CA SER A 34 5.51 6.40 5.07
C SER A 34 6.97 6.62 4.64
N GLU A 35 7.71 5.56 4.50
CA GLU A 35 9.15 5.71 4.08
C GLU A 35 9.23 6.43 2.73
N GLU A 36 8.31 6.18 1.83
CA GLU A 36 8.37 6.85 0.50
C GLU A 36 7.14 7.72 0.27
N CYS A 37 6.15 7.62 1.12
CA CYS A 37 4.92 8.46 0.93
C CYS A 37 5.25 9.92 1.23
N LEU A 38 5.68 10.66 0.24
CA LEU A 38 6.02 12.09 0.48
C LEU A 38 4.75 12.95 0.49
N SER A 39 3.60 12.33 0.37
CA SER A 39 2.34 13.12 0.39
C SER A 39 2.09 13.66 1.79
N GLY A 40 2.66 13.04 2.79
CA GLY A 40 2.47 13.53 4.19
C GLY A 40 1.47 12.62 4.91
N THR A 41 0.70 11.86 4.18
CA THR A 41 -0.28 10.96 4.83
C THR A 41 -0.31 9.59 4.14
N TRP A 42 0.09 8.56 4.83
CA TRP A 42 0.09 7.20 4.23
C TRP A 42 -1.27 6.53 4.50
N THR A 43 -1.93 6.05 3.48
CA THR A 43 -3.26 5.40 3.70
C THR A 43 -3.27 3.96 3.18
N GLN A 44 -4.26 3.21 3.57
CA GLN A 44 -4.35 1.79 3.11
C GLN A 44 -5.82 1.40 2.95
N GLN A 45 -6.67 2.37 2.76
CA GLN A 45 -8.13 2.06 2.59
C GLN A 45 -8.81 3.20 1.84
N ILE A 46 -9.11 3.02 0.58
CA ILE A 46 -9.78 4.09 -0.20
C ILE A 46 -10.65 3.48 -1.31
N CYS A 47 -10.20 2.40 -1.90
CA CYS A 47 -11.00 1.77 -2.99
C CYS A 47 -12.18 1.00 -2.40
N LEU A 48 -13.35 1.18 -2.95
CA LEU A 48 -14.55 0.46 -2.41
C LEU A 48 -14.32 -1.05 -2.45
N GLY A 1 8.65 -5.43 10.64
CA GLY A 1 7.55 -5.54 9.65
C GLY A 1 7.91 -6.59 8.59
N SER A 2 7.63 -6.30 7.34
CA SER A 2 7.95 -7.28 6.27
C SER A 2 9.00 -6.69 5.32
N ALA A 3 8.62 -6.38 4.11
CA ALA A 3 9.59 -5.79 3.14
C ALA A 3 8.95 -5.69 1.75
N MET A 4 8.62 -6.81 1.17
CA MET A 4 7.98 -6.78 -0.18
C MET A 4 6.61 -7.47 -0.11
N GLY A 5 5.72 -6.95 0.68
CA GLY A 5 4.37 -7.58 0.80
C GLY A 5 3.42 -6.95 -0.22
N CYS A 6 2.91 -5.78 0.06
CA CYS A 6 1.97 -5.13 -0.90
C CYS A 6 2.77 -4.29 -1.90
N ARG A 7 4.00 -4.00 -1.61
CA ARG A 7 4.82 -3.20 -2.56
C ARG A 7 5.04 -4.01 -3.85
N HIS A 8 4.70 -5.27 -3.82
CA HIS A 8 4.87 -6.12 -5.03
C HIS A 8 3.51 -6.32 -5.70
N PHE A 9 2.45 -6.07 -4.99
CA PHE A 9 1.09 -6.24 -5.58
C PHE A 9 0.98 -5.46 -6.90
N GLN A 10 -0.20 -5.33 -7.43
CA GLN A 10 -0.36 -4.58 -8.71
C GLN A 10 -1.21 -3.33 -8.48
N SER A 11 -2.49 -3.49 -8.28
CA SER A 11 -3.37 -2.31 -8.06
C SER A 11 -3.69 -2.18 -6.57
N CYS A 12 -4.50 -1.22 -6.20
CA CYS A 12 -4.85 -1.04 -4.76
C CYS A 12 -5.73 -2.20 -4.29
N SER A 13 -6.12 -3.06 -5.18
CA SER A 13 -6.99 -4.20 -4.78
C SER A 13 -6.29 -5.05 -3.70
N GLN A 14 -5.16 -5.61 -4.01
CA GLN A 14 -4.45 -6.45 -3.01
C GLN A 14 -3.76 -5.56 -1.98
N CYS A 15 -3.29 -4.41 -2.38
CA CYS A 15 -2.61 -3.50 -1.41
C CYS A 15 -3.52 -3.22 -0.22
N LEU A 16 -4.81 -3.22 -0.42
CA LEU A 16 -5.74 -2.95 0.71
C LEU A 16 -6.51 -4.24 1.07
N SER A 17 -6.50 -5.21 0.19
CA SER A 17 -7.21 -6.49 0.49
C SER A 17 -6.27 -7.43 1.25
N ALA A 18 -5.02 -7.04 1.41
CA ALA A 18 -4.05 -7.89 2.13
C ALA A 18 -3.10 -7.01 2.96
N PRO A 19 -3.70 -6.18 3.78
CA PRO A 19 -2.93 -5.26 4.64
C PRO A 19 -2.24 -5.96 5.84
N PRO A 20 -2.78 -7.07 6.31
CA PRO A 20 -2.15 -7.74 7.48
C PRO A 20 -0.84 -8.42 7.08
N PHE A 21 -0.72 -8.85 5.85
CA PHE A 21 0.54 -9.51 5.42
C PHE A 21 1.40 -8.54 4.60
N VAL A 22 1.25 -7.27 4.85
CA VAL A 22 2.06 -6.26 4.08
C VAL A 22 2.26 -5.00 4.90
N GLN A 23 3.12 -4.12 4.46
CA GLN A 23 3.36 -2.86 5.24
C GLN A 23 3.12 -1.62 4.38
N CYS A 24 3.45 -1.66 3.11
CA CYS A 24 3.23 -0.47 2.25
C CYS A 24 1.74 -0.17 2.14
N GLY A 25 1.39 1.04 1.79
CA GLY A 25 -0.05 1.40 1.69
C GLY A 25 -0.27 2.27 0.45
N TRP A 26 -1.46 2.73 0.22
CA TRP A 26 -1.71 3.58 -0.96
C TRP A 26 -1.45 5.04 -0.57
N CYS A 27 -0.86 5.81 -1.46
CA CYS A 27 -0.54 7.22 -1.11
C CYS A 27 -0.94 8.17 -2.23
N HIS A 28 -2.06 8.81 -2.09
CA HIS A 28 -2.53 9.79 -3.13
C HIS A 28 -2.25 9.31 -4.56
N ASP A 29 -2.07 8.03 -4.79
CA ASP A 29 -1.83 7.58 -6.19
C ASP A 29 -1.38 6.12 -6.24
N LYS A 30 -0.11 5.85 -6.12
CA LYS A 30 0.38 4.43 -6.20
C LYS A 30 0.43 3.80 -4.81
N CYS A 31 0.76 2.53 -4.76
CA CYS A 31 0.83 1.83 -3.45
C CYS A 31 2.24 1.96 -2.87
N VAL A 32 2.41 2.79 -1.88
CA VAL A 32 3.75 2.97 -1.26
C VAL A 32 3.60 3.33 0.22
N ARG A 33 4.68 3.44 0.93
CA ARG A 33 4.60 3.79 2.37
C ARG A 33 5.44 5.03 2.67
N SER A 34 5.39 5.52 3.88
CA SER A 34 6.18 6.74 4.24
C SER A 34 7.55 6.69 3.56
N GLU A 35 8.08 5.52 3.36
CA GLU A 35 9.41 5.41 2.70
C GLU A 35 9.37 6.08 1.32
N GLU A 36 8.30 5.88 0.60
CA GLU A 36 8.19 6.50 -0.75
C GLU A 36 7.44 7.83 -0.67
N CYS A 37 6.30 7.84 -0.03
CA CYS A 37 5.54 9.13 0.08
C CYS A 37 5.61 9.66 1.52
N LEU A 38 6.73 10.23 1.88
CA LEU A 38 6.87 10.78 3.26
C LEU A 38 6.33 12.21 3.33
N SER A 39 5.37 12.54 2.49
CA SER A 39 4.82 13.92 2.51
C SER A 39 3.96 14.12 3.77
N GLY A 40 3.80 13.09 4.55
CA GLY A 40 2.99 13.21 5.79
C GLY A 40 1.56 12.73 5.52
N THR A 41 1.35 12.01 4.45
CA THR A 41 -0.02 11.53 4.14
C THR A 41 0.03 10.08 3.63
N TRP A 42 -0.49 9.16 4.39
CA TRP A 42 -0.50 7.73 3.96
C TRP A 42 -1.89 7.13 4.16
N THR A 43 -2.39 6.42 3.19
CA THR A 43 -3.75 5.82 3.35
C THR A 43 -3.75 4.33 3.00
N GLN A 44 -4.64 3.58 3.57
CA GLN A 44 -4.70 2.12 3.27
C GLN A 44 -6.15 1.70 3.02
N GLN A 45 -7.00 2.64 2.69
CA GLN A 45 -8.43 2.30 2.43
C GLN A 45 -9.04 3.32 1.47
N ILE A 46 -9.24 2.94 0.24
CA ILE A 46 -9.85 3.89 -0.74
C ILE A 46 -10.66 3.11 -1.80
N CYS A 47 -10.18 1.98 -2.20
CA CYS A 47 -10.93 1.17 -3.20
C CYS A 47 -11.34 -0.17 -2.61
N LEU A 48 -12.54 -0.61 -2.86
CA LEU A 48 -13.01 -1.91 -2.30
C LEU A 48 -12.89 -3.01 -3.35
N GLY A 1 4.42 -6.17 9.86
CA GLY A 1 5.14 -7.45 9.63
C GLY A 1 6.43 -7.17 8.84
N SER A 2 6.38 -7.30 7.55
CA SER A 2 7.59 -7.04 6.72
C SER A 2 7.20 -6.42 5.37
N ALA A 3 8.04 -5.58 4.84
CA ALA A 3 7.72 -4.93 3.54
C ALA A 3 7.61 -6.00 2.44
N MET A 4 7.86 -5.62 1.21
CA MET A 4 7.76 -6.61 0.10
C MET A 4 6.41 -7.32 0.13
N GLY A 5 5.36 -6.61 0.43
CA GLY A 5 4.01 -7.25 0.48
C GLY A 5 3.07 -6.50 -0.45
N CYS A 6 2.62 -5.33 -0.05
CA CYS A 6 1.70 -4.56 -0.93
C CYS A 6 2.51 -3.61 -1.82
N ARG A 7 3.75 -3.39 -1.50
CA ARG A 7 4.58 -2.47 -2.33
C ARG A 7 4.83 -3.09 -3.71
N HIS A 8 4.56 -4.36 -3.87
CA HIS A 8 4.77 -5.00 -5.20
C HIS A 8 3.44 -5.45 -5.81
N PHE A 9 2.36 -5.28 -5.08
CA PHE A 9 1.03 -5.69 -5.62
C PHE A 9 0.71 -4.89 -6.89
N GLN A 10 -0.40 -5.16 -7.50
CA GLN A 10 -0.76 -4.41 -8.75
C GLN A 10 -1.36 -3.05 -8.39
N SER A 11 -2.66 -2.99 -8.21
CA SER A 11 -3.30 -1.69 -7.85
C SER A 11 -3.65 -1.66 -6.37
N CYS A 12 -4.79 -1.11 -6.03
CA CYS A 12 -5.20 -1.05 -4.59
C CYS A 12 -6.02 -2.28 -4.22
N SER A 13 -6.25 -3.17 -5.14
CA SER A 13 -7.05 -4.38 -4.84
C SER A 13 -6.33 -5.26 -3.81
N GLN A 14 -5.15 -5.72 -4.14
CA GLN A 14 -4.40 -6.58 -3.18
C GLN A 14 -3.77 -5.71 -2.09
N CYS A 15 -3.44 -4.49 -2.40
CA CYS A 15 -2.81 -3.60 -1.38
C CYS A 15 -3.69 -3.51 -0.13
N LEU A 16 -4.98 -3.35 -0.32
CA LEU A 16 -5.88 -3.25 0.88
C LEU A 16 -6.63 -4.58 1.09
N SER A 17 -6.48 -5.52 0.20
CA SER A 17 -7.16 -6.83 0.38
C SER A 17 -6.26 -7.78 1.16
N ALA A 18 -5.03 -7.41 1.35
CA ALA A 18 -4.08 -8.29 2.08
C ALA A 18 -3.14 -7.44 2.93
N PRO A 19 -3.71 -6.77 3.90
CA PRO A 19 -2.92 -5.90 4.80
C PRO A 19 -2.08 -6.70 5.83
N PRO A 20 -2.52 -7.88 6.22
CA PRO A 20 -1.74 -8.66 7.21
C PRO A 20 -0.48 -9.25 6.56
N PHE A 21 -0.47 -9.34 5.25
CA PHE A 21 0.73 -9.90 4.56
C PHE A 21 1.51 -8.77 3.88
N VAL A 22 1.38 -7.56 4.37
CA VAL A 22 2.10 -6.43 3.73
C VAL A 22 2.42 -5.34 4.76
N GLN A 23 2.92 -4.22 4.32
CA GLN A 23 3.25 -3.13 5.28
C GLN A 23 3.00 -1.76 4.63
N CYS A 24 3.27 -1.62 3.36
CA CYS A 24 3.06 -0.30 2.69
C CYS A 24 1.57 0.03 2.65
N GLY A 25 1.24 1.21 2.19
CA GLY A 25 -0.18 1.63 2.13
C GLY A 25 -0.41 2.44 0.85
N TRP A 26 -1.59 2.94 0.62
CA TRP A 26 -1.84 3.73 -0.61
C TRP A 26 -1.53 5.20 -0.33
N CYS A 27 -0.86 5.87 -1.23
CA CYS A 27 -0.52 7.30 -0.99
C CYS A 27 -0.83 8.18 -2.21
N HIS A 28 -1.95 8.84 -2.18
CA HIS A 28 -2.36 9.76 -3.30
C HIS A 28 -2.18 9.16 -4.71
N ASP A 29 -1.88 7.89 -4.85
CA ASP A 29 -1.72 7.34 -6.22
C ASP A 29 -1.13 5.92 -6.21
N LYS A 30 0.10 5.78 -5.79
CA LYS A 30 0.73 4.43 -5.77
C LYS A 30 0.68 3.82 -4.37
N CYS A 31 1.01 2.57 -4.26
CA CYS A 31 0.99 1.90 -2.93
C CYS A 31 2.36 2.02 -2.26
N VAL A 32 2.46 2.89 -1.28
CA VAL A 32 3.76 3.07 -0.57
C VAL A 32 3.49 3.42 0.89
N ARG A 33 4.50 3.43 1.72
CA ARG A 33 4.29 3.77 3.15
C ARG A 33 4.92 5.12 3.47
N SER A 34 4.68 5.64 4.64
CA SER A 34 5.27 6.96 5.01
C SER A 34 6.77 7.00 4.69
N GLU A 35 7.40 5.86 4.56
CA GLU A 35 8.85 5.84 4.26
C GLU A 35 9.10 5.85 2.74
N GLU A 36 8.10 5.58 1.96
CA GLU A 36 8.30 5.57 0.47
C GLU A 36 7.41 6.62 -0.21
N CYS A 37 6.51 7.22 0.52
CA CYS A 37 5.61 8.25 -0.10
C CYS A 37 6.31 9.61 -0.12
N LEU A 38 5.86 10.50 -0.97
CA LEU A 38 6.49 11.86 -1.03
C LEU A 38 6.23 12.61 0.28
N SER A 39 5.02 13.08 0.47
CA SER A 39 4.70 13.84 1.72
C SER A 39 4.63 12.87 2.91
N GLY A 40 4.37 13.39 4.08
CA GLY A 40 4.29 12.50 5.27
C GLY A 40 2.86 11.98 5.41
N THR A 41 2.07 12.08 4.37
CA THR A 41 0.67 11.58 4.45
C THR A 41 0.61 10.11 4.01
N TRP A 42 -0.27 9.34 4.60
CA TRP A 42 -0.37 7.91 4.21
C TRP A 42 -1.81 7.41 4.42
N THR A 43 -2.39 6.79 3.42
CA THR A 43 -3.78 6.29 3.57
C THR A 43 -3.86 4.81 3.18
N GLN A 44 -4.79 4.08 3.73
CA GLN A 44 -4.90 2.64 3.40
C GLN A 44 -6.35 2.27 3.10
N GLN A 45 -7.08 3.14 2.45
CA GLN A 45 -8.49 2.83 2.12
C GLN A 45 -8.92 3.56 0.85
N ILE A 46 -8.99 2.85 -0.25
CA ILE A 46 -9.42 3.47 -1.53
C ILE A 46 -10.10 2.41 -2.41
N CYS A 47 -9.54 1.24 -2.44
CA CYS A 47 -10.12 0.14 -3.26
C CYS A 47 -11.33 -0.47 -2.54
N LEU A 48 -12.47 -0.45 -3.17
CA LEU A 48 -13.68 -1.04 -2.52
C LEU A 48 -13.99 -2.41 -3.12
N GLY A 1 -4.40 -14.05 -1.81
CA GLY A 1 -3.37 -15.02 -1.37
C GLY A 1 -2.00 -14.62 -1.93
N SER A 2 -1.02 -15.48 -1.80
CA SER A 2 0.33 -15.15 -2.34
C SER A 2 0.67 -13.68 -2.03
N ALA A 3 0.12 -13.14 -0.97
CA ALA A 3 0.41 -11.73 -0.61
C ALA A 3 1.89 -11.58 -0.23
N MET A 4 2.69 -11.09 -1.13
CA MET A 4 4.15 -10.94 -0.82
C MET A 4 4.58 -9.48 -0.99
N GLY A 5 4.05 -8.58 -0.21
CA GLY A 5 4.45 -7.16 -0.32
C GLY A 5 3.27 -6.31 -0.81
N CYS A 6 2.81 -5.40 0.01
CA CYS A 6 1.68 -4.53 -0.40
C CYS A 6 2.10 -3.70 -1.61
N ARG A 7 3.22 -3.04 -1.53
CA ARG A 7 3.69 -2.22 -2.68
C ARG A 7 3.93 -3.13 -3.89
N HIS A 8 4.30 -4.36 -3.65
CA HIS A 8 4.54 -5.30 -4.78
C HIS A 8 3.23 -5.51 -5.55
N PHE A 9 2.12 -5.28 -4.91
CA PHE A 9 0.81 -5.46 -5.60
C PHE A 9 0.65 -4.43 -6.72
N GLN A 10 -0.28 -4.64 -7.61
CA GLN A 10 -0.49 -3.68 -8.74
C GLN A 10 -1.24 -2.44 -8.25
N SER A 11 -2.54 -2.45 -8.35
CA SER A 11 -3.34 -1.27 -7.89
C SER A 11 -3.60 -1.35 -6.38
N CYS A 12 -4.77 -0.95 -5.95
CA CYS A 12 -5.07 -0.99 -4.49
C CYS A 12 -5.85 -2.27 -4.15
N SER A 13 -6.15 -3.09 -5.13
CA SER A 13 -6.92 -4.33 -4.85
C SER A 13 -6.22 -5.18 -3.78
N GLN A 14 -5.01 -5.59 -4.03
CA GLN A 14 -4.29 -6.42 -3.03
C GLN A 14 -3.68 -5.53 -1.95
N CYS A 15 -3.39 -4.30 -2.27
CA CYS A 15 -2.80 -3.38 -1.26
C CYS A 15 -3.63 -3.40 0.03
N LEU A 16 -4.93 -3.33 -0.09
CA LEU A 16 -5.78 -3.32 1.13
C LEU A 16 -6.47 -4.68 1.32
N SER A 17 -6.46 -5.52 0.32
CA SER A 17 -7.12 -6.85 0.47
C SER A 17 -6.21 -7.80 1.26
N ALA A 18 -4.96 -7.46 1.42
CA ALA A 18 -4.04 -8.35 2.17
C ALA A 18 -3.06 -7.50 3.00
N PRO A 19 -3.61 -6.72 3.88
CA PRO A 19 -2.79 -5.84 4.75
C PRO A 19 -2.06 -6.61 5.87
N PRO A 20 -2.60 -7.71 6.34
CA PRO A 20 -1.92 -8.46 7.42
C PRO A 20 -0.67 -9.16 6.87
N PHE A 21 -0.57 -9.26 5.58
CA PHE A 21 0.63 -9.91 4.97
C PHE A 21 1.52 -8.86 4.31
N VAL A 22 1.38 -7.62 4.68
CA VAL A 22 2.22 -6.54 4.07
C VAL A 22 2.41 -5.38 5.04
N GLN A 23 3.13 -4.37 4.62
CA GLN A 23 3.38 -3.19 5.51
C GLN A 23 3.27 -1.88 4.72
N CYS A 24 2.90 -1.95 3.47
CA CYS A 24 2.80 -0.72 2.66
C CYS A 24 1.34 -0.24 2.58
N GLY A 25 1.10 0.91 2.01
CA GLY A 25 -0.29 1.43 1.90
C GLY A 25 -0.41 2.27 0.63
N TRP A 26 -1.55 2.82 0.35
CA TRP A 26 -1.69 3.65 -0.88
C TRP A 26 -1.37 5.11 -0.58
N CYS A 27 -0.79 5.80 -1.54
CA CYS A 27 -0.46 7.24 -1.29
C CYS A 27 -0.80 8.08 -2.53
N HIS A 28 -1.95 8.72 -2.49
CA HIS A 28 -2.41 9.60 -3.61
C HIS A 28 -1.80 9.23 -4.98
N ASP A 29 -1.60 7.98 -5.29
CA ASP A 29 -1.01 7.64 -6.62
C ASP A 29 -0.64 6.17 -6.72
N LYS A 30 0.32 5.74 -5.95
CA LYS A 30 0.76 4.32 -6.03
C LYS A 30 0.68 3.64 -4.66
N CYS A 31 1.00 2.38 -4.61
CA CYS A 31 0.95 1.65 -3.32
C CYS A 31 2.32 1.70 -2.63
N VAL A 32 2.45 2.51 -1.62
CA VAL A 32 3.75 2.63 -0.91
C VAL A 32 3.51 3.01 0.56
N ARG A 33 4.55 3.05 1.35
CA ARG A 33 4.37 3.43 2.78
C ARG A 33 5.08 4.75 3.08
N SER A 34 4.94 5.25 4.28
CA SER A 34 5.60 6.54 4.64
C SER A 34 7.01 6.60 4.06
N GLU A 35 7.74 5.52 4.14
CA GLU A 35 9.12 5.51 3.59
C GLU A 35 9.13 6.01 2.14
N GLU A 36 8.00 5.96 1.48
CA GLU A 36 7.94 6.43 0.07
C GLU A 36 7.12 7.72 -0.03
N CYS A 37 6.13 7.85 0.81
CA CYS A 37 5.29 9.10 0.76
C CYS A 37 6.10 10.29 1.27
N LEU A 38 6.68 11.04 0.38
CA LEU A 38 7.50 12.22 0.81
C LEU A 38 6.60 13.27 1.46
N SER A 39 5.34 13.28 1.14
CA SER A 39 4.41 14.29 1.75
C SER A 39 4.11 13.94 3.20
N GLY A 40 4.70 12.88 3.71
CA GLY A 40 4.45 12.49 5.12
C GLY A 40 3.00 12.02 5.26
N THR A 41 2.33 11.82 4.16
CA THR A 41 0.91 11.37 4.23
C THR A 41 0.80 9.90 3.77
N TRP A 42 -0.09 9.15 4.35
CA TRP A 42 -0.24 7.73 3.95
C TRP A 42 -1.70 7.28 4.17
N THR A 43 -2.25 6.55 3.23
CA THR A 43 -3.66 6.10 3.39
C THR A 43 -3.78 4.61 3.05
N GLN A 44 -4.81 3.97 3.55
CA GLN A 44 -5.00 2.52 3.24
C GLN A 44 -6.49 2.20 3.12
N GLN A 45 -7.20 2.94 2.32
CA GLN A 45 -8.66 2.69 2.16
C GLN A 45 -9.15 3.30 0.84
N ILE A 46 -9.42 2.49 -0.14
CA ILE A 46 -9.90 3.03 -1.44
C ILE A 46 -10.82 2.01 -2.14
N CYS A 47 -10.27 0.93 -2.61
CA CYS A 47 -11.12 -0.09 -3.30
C CYS A 47 -11.33 -1.32 -2.41
N LEU A 48 -12.51 -1.87 -2.42
CA LEU A 48 -12.79 -3.07 -1.57
C LEU A 48 -12.15 -4.30 -2.22
N GLY A 1 -5.88 -13.90 -1.45
CA GLY A 1 -5.23 -15.11 -2.03
C GLY A 1 -3.77 -15.14 -1.62
N SER A 2 -2.87 -14.91 -2.54
CA SER A 2 -1.42 -14.93 -2.21
C SER A 2 -0.88 -13.51 -2.11
N ALA A 3 0.20 -13.32 -1.41
CA ALA A 3 0.79 -11.95 -1.28
C ALA A 3 2.29 -12.04 -0.99
N MET A 4 3.07 -11.19 -1.60
CA MET A 4 4.54 -11.23 -1.35
C MET A 4 5.08 -9.82 -1.12
N GLY A 5 4.24 -8.91 -0.71
CA GLY A 5 4.71 -7.51 -0.46
C GLY A 5 3.68 -6.52 -1.00
N CYS A 6 3.19 -5.64 -0.17
CA CYS A 6 2.19 -4.64 -0.63
C CYS A 6 2.78 -3.78 -1.74
N ARG A 7 4.02 -3.40 -1.61
CA ARG A 7 4.65 -2.57 -2.68
C ARG A 7 4.57 -3.30 -4.01
N HIS A 8 4.67 -4.60 -3.99
CA HIS A 8 4.59 -5.39 -5.25
C HIS A 8 3.17 -5.28 -5.84
N PHE A 9 2.19 -5.25 -4.99
CA PHE A 9 0.78 -5.16 -5.49
C PHE A 9 0.67 -4.06 -6.55
N GLN A 10 0.27 -4.41 -7.75
CA GLN A 10 0.14 -3.38 -8.82
C GLN A 10 -0.98 -2.40 -8.50
N SER A 11 -2.22 -2.85 -8.54
CA SER A 11 -3.35 -1.93 -8.23
C SER A 11 -3.51 -1.79 -6.72
N CYS A 12 -4.41 -0.95 -6.28
CA CYS A 12 -4.61 -0.77 -4.81
C CYS A 12 -5.48 -1.90 -4.26
N SER A 13 -6.14 -2.64 -5.11
CA SER A 13 -6.99 -3.75 -4.63
C SER A 13 -6.25 -4.57 -3.58
N GLN A 14 -5.12 -5.13 -3.94
CA GLN A 14 -4.34 -5.95 -2.96
C GLN A 14 -3.71 -5.05 -1.90
N CYS A 15 -3.31 -3.86 -2.28
CA CYS A 15 -2.67 -2.93 -1.30
C CYS A 15 -3.53 -2.84 -0.03
N LEU A 16 -4.82 -2.84 -0.15
CA LEU A 16 -5.69 -2.74 1.05
C LEU A 16 -6.40 -4.07 1.32
N SER A 17 -6.26 -5.03 0.45
CA SER A 17 -6.95 -6.34 0.67
C SER A 17 -6.01 -7.32 1.39
N ALA A 18 -4.77 -6.95 1.58
CA ALA A 18 -3.84 -7.87 2.29
C ALA A 18 -2.87 -7.08 3.17
N PRO A 19 -3.43 -6.35 4.09
CA PRO A 19 -2.61 -5.53 5.01
C PRO A 19 -1.87 -6.38 6.08
N PRO A 20 -2.42 -7.52 6.45
CA PRO A 20 -1.74 -8.35 7.48
C PRO A 20 -0.55 -9.10 6.86
N PHE A 21 -0.59 -9.34 5.58
CA PHE A 21 0.54 -10.06 4.93
C PHE A 21 1.50 -9.06 4.28
N VAL A 22 1.34 -7.81 4.56
CA VAL A 22 2.25 -6.79 3.94
C VAL A 22 2.47 -5.61 4.90
N GLN A 23 3.12 -4.58 4.44
CA GLN A 23 3.38 -3.40 5.30
C GLN A 23 3.14 -2.10 4.53
N CYS A 24 3.34 -2.10 3.24
CA CYS A 24 3.13 -0.87 2.44
C CYS A 24 1.63 -0.50 2.41
N GLY A 25 1.32 0.65 1.87
CA GLY A 25 -0.11 1.09 1.82
C GLY A 25 -0.32 1.93 0.56
N TRP A 26 -1.50 2.44 0.35
CA TRP A 26 -1.74 3.27 -0.86
C TRP A 26 -1.41 4.74 -0.56
N CYS A 27 -0.82 5.44 -1.48
CA CYS A 27 -0.48 6.86 -1.22
C CYS A 27 -0.83 7.75 -2.42
N HIS A 28 -1.97 8.39 -2.36
CA HIS A 28 -2.41 9.31 -3.47
C HIS A 28 -2.46 8.64 -4.87
N ASP A 29 -1.93 7.46 -5.05
CA ASP A 29 -1.99 6.82 -6.40
C ASP A 29 -1.09 5.58 -6.46
N LYS A 30 0.07 5.64 -5.87
CA LYS A 30 1.00 4.48 -5.91
C LYS A 30 0.93 3.69 -4.61
N CYS A 31 1.23 2.42 -4.64
CA CYS A 31 1.18 1.59 -3.41
C CYS A 31 2.52 1.68 -2.66
N VAL A 32 2.56 2.42 -1.59
CA VAL A 32 3.83 2.56 -0.81
C VAL A 32 3.51 2.89 0.65
N ARG A 33 4.51 2.95 1.49
CA ARG A 33 4.27 3.27 2.92
C ARG A 33 4.84 4.65 3.25
N SER A 34 4.58 5.15 4.44
CA SER A 34 5.11 6.49 4.83
C SER A 34 6.58 6.64 4.44
N GLU A 35 7.37 5.62 4.65
CA GLU A 35 8.82 5.71 4.31
C GLU A 35 9.02 5.96 2.81
N GLU A 36 8.00 5.74 2.01
CA GLU A 36 8.15 5.96 0.55
C GLU A 36 7.17 7.03 0.06
N CYS A 37 6.23 7.40 0.87
CA CYS A 37 5.24 8.44 0.47
C CYS A 37 5.92 9.81 0.39
N LEU A 38 5.76 10.49 -0.71
CA LEU A 38 6.39 11.83 -0.85
C LEU A 38 6.03 12.71 0.35
N SER A 39 4.79 13.09 0.46
CA SER A 39 4.37 13.93 1.62
C SER A 39 4.27 13.08 2.88
N GLY A 40 3.66 13.60 3.92
CA GLY A 40 3.53 12.82 5.16
C GLY A 40 2.11 12.24 5.25
N THR A 41 1.63 11.66 4.18
CA THR A 41 0.26 11.09 4.20
C THR A 41 0.26 9.64 3.70
N TRP A 42 -0.44 8.78 4.37
CA TRP A 42 -0.49 7.35 3.95
C TRP A 42 -1.92 6.82 4.11
N THR A 43 -2.50 6.27 3.07
CA THR A 43 -3.90 5.76 3.20
C THR A 43 -3.96 4.24 3.03
N GLN A 44 -4.80 3.60 3.80
CA GLN A 44 -4.95 2.14 3.72
C GLN A 44 -6.40 1.79 3.35
N GLN A 45 -7.16 2.77 2.95
CA GLN A 45 -8.59 2.51 2.58
C GLN A 45 -9.05 3.56 1.56
N ILE A 46 -9.17 3.19 0.32
CA ILE A 46 -9.62 4.17 -0.72
C ILE A 46 -10.38 3.46 -1.84
N CYS A 47 -9.89 2.34 -2.28
CA CYS A 47 -10.59 1.60 -3.37
C CYS A 47 -11.71 0.74 -2.81
N LEU A 48 -12.70 0.41 -3.61
CA LEU A 48 -13.81 -0.43 -3.11
C LEU A 48 -13.35 -1.88 -2.94
N GLY A 1 -1.31 -18.37 -3.43
CA GLY A 1 -0.87 -16.96 -3.61
C GLY A 1 0.64 -16.92 -3.83
N SER A 2 1.13 -15.89 -4.46
CA SER A 2 2.60 -15.80 -4.71
C SER A 2 3.02 -14.32 -4.82
N ALA A 3 3.03 -13.62 -3.73
CA ALA A 3 3.43 -12.18 -3.77
C ALA A 3 4.58 -11.92 -2.80
N MET A 4 5.18 -10.76 -2.87
CA MET A 4 6.31 -10.44 -1.96
C MET A 4 5.83 -9.47 -0.87
N GLY A 5 4.70 -8.84 -1.07
CA GLY A 5 4.20 -7.90 -0.03
C GLY A 5 3.28 -6.85 -0.66
N CYS A 6 3.10 -5.74 -0.02
CA CYS A 6 2.22 -4.68 -0.55
C CYS A 6 2.88 -3.98 -1.75
N ARG A 7 4.11 -3.59 -1.60
CA ARG A 7 4.81 -2.90 -2.73
C ARG A 7 4.88 -3.84 -3.95
N HIS A 8 4.60 -5.09 -3.76
CA HIS A 8 4.63 -6.05 -4.90
C HIS A 8 3.29 -6.04 -5.63
N PHE A 9 2.21 -5.91 -4.90
CA PHE A 9 0.88 -5.89 -5.55
C PHE A 9 0.87 -4.91 -6.74
N GLN A 10 -0.11 -5.02 -7.58
CA GLN A 10 -0.17 -4.11 -8.76
C GLN A 10 -1.13 -2.94 -8.48
N SER A 11 -2.40 -3.16 -8.61
CA SER A 11 -3.38 -2.08 -8.34
C SER A 11 -3.62 -1.91 -6.84
N CYS A 12 -4.59 -1.13 -6.45
CA CYS A 12 -4.86 -0.94 -5.00
C CYS A 12 -5.72 -2.09 -4.47
N SER A 13 -6.16 -2.96 -5.34
CA SER A 13 -7.01 -4.10 -4.89
C SER A 13 -6.31 -4.88 -3.77
N GLN A 14 -5.15 -5.42 -4.03
CA GLN A 14 -4.43 -6.19 -2.98
C GLN A 14 -3.79 -5.23 -1.96
N CYS A 15 -3.35 -4.09 -2.41
CA CYS A 15 -2.72 -3.12 -1.47
C CYS A 15 -3.58 -2.94 -0.22
N LEU A 16 -4.88 -2.98 -0.37
CA LEU A 16 -5.77 -2.80 0.82
C LEU A 16 -6.47 -4.11 1.17
N SER A 17 -6.42 -5.08 0.30
CA SER A 17 -7.09 -6.38 0.58
C SER A 17 -6.12 -7.32 1.31
N ALA A 18 -4.88 -6.93 1.44
CA ALA A 18 -3.89 -7.80 2.13
C ALA A 18 -2.90 -6.95 2.92
N PRO A 19 -3.44 -6.09 3.74
CA PRO A 19 -2.61 -5.19 4.57
C PRO A 19 -1.94 -5.92 5.77
N PRO A 20 -2.54 -6.98 6.27
CA PRO A 20 -1.93 -7.70 7.42
C PRO A 20 -0.72 -8.52 6.97
N PHE A 21 -0.71 -8.97 5.74
CA PHE A 21 0.44 -9.78 5.25
C PHE A 21 1.45 -8.86 4.55
N VAL A 22 1.35 -7.58 4.77
CA VAL A 22 2.30 -6.64 4.11
C VAL A 22 2.57 -5.44 5.02
N GLN A 23 3.00 -4.34 4.46
CA GLN A 23 3.29 -3.14 5.30
C GLN A 23 3.03 -1.85 4.51
N CYS A 24 3.32 -1.86 3.24
CA CYS A 24 3.10 -0.62 2.42
C CYS A 24 1.61 -0.28 2.35
N GLY A 25 1.27 0.87 1.83
CA GLY A 25 -0.15 1.28 1.75
C GLY A 25 -0.36 2.18 0.53
N TRP A 26 -1.55 2.66 0.34
CA TRP A 26 -1.81 3.53 -0.85
C TRP A 26 -1.53 4.99 -0.48
N CYS A 27 -0.85 5.71 -1.34
CA CYS A 27 -0.55 7.13 -1.00
C CYS A 27 -0.84 8.07 -2.19
N HIS A 28 -1.97 8.72 -2.14
CA HIS A 28 -2.36 9.69 -3.23
C HIS A 28 -2.47 9.06 -4.63
N ASP A 29 -2.05 7.83 -4.84
CA ASP A 29 -2.17 7.24 -6.21
C ASP A 29 -1.47 5.88 -6.30
N LYS A 30 -0.25 5.80 -5.84
CA LYS A 30 0.49 4.52 -5.92
C LYS A 30 0.54 3.81 -4.57
N CYS A 31 1.01 2.59 -4.55
CA CYS A 31 1.10 1.83 -3.27
C CYS A 31 2.46 2.06 -2.62
N VAL A 32 2.52 2.86 -1.59
CA VAL A 32 3.81 3.12 -0.91
C VAL A 32 3.57 3.34 0.59
N ARG A 33 4.61 3.50 1.35
CA ARG A 33 4.43 3.74 2.82
C ARG A 33 5.08 5.06 3.23
N SER A 34 4.91 5.44 4.46
CA SER A 34 5.50 6.73 4.93
C SER A 34 6.99 6.84 4.56
N GLU A 35 7.63 5.76 4.22
CA GLU A 35 9.07 5.83 3.87
C GLU A 35 9.27 5.96 2.35
N GLU A 36 8.23 5.86 1.58
CA GLU A 36 8.37 5.97 0.10
C GLU A 36 7.61 7.20 -0.41
N CYS A 37 6.52 7.55 0.21
CA CYS A 37 5.74 8.73 -0.25
C CYS A 37 6.49 10.02 0.11
N LEU A 38 6.17 11.11 -0.53
CA LEU A 38 6.87 12.39 -0.22
C LEU A 38 6.43 12.93 1.14
N SER A 39 5.19 13.35 1.24
CA SER A 39 4.70 13.90 2.55
C SER A 39 4.40 12.76 3.53
N GLY A 40 3.99 13.08 4.72
CA GLY A 40 3.69 12.02 5.72
C GLY A 40 2.23 11.57 5.57
N THR A 41 1.76 11.47 4.36
CA THR A 41 0.35 11.04 4.15
C THR A 41 0.30 9.55 3.77
N TRP A 42 -0.56 8.80 4.40
CA TRP A 42 -0.65 7.35 4.07
C TRP A 42 -2.09 6.85 4.27
N THR A 43 -2.61 6.12 3.31
CA THR A 43 -4.00 5.61 3.44
C THR A 43 -4.06 4.14 3.00
N GLN A 44 -4.80 3.34 3.72
CA GLN A 44 -4.90 1.89 3.35
C GLN A 44 -6.36 1.54 3.06
N GLN A 45 -7.15 2.50 2.67
CA GLN A 45 -8.59 2.23 2.38
C GLN A 45 -9.15 3.28 1.42
N ILE A 46 -9.34 2.93 0.18
CA ILE A 46 -9.88 3.92 -0.80
C ILE A 46 -10.67 3.21 -1.89
N CYS A 47 -10.25 2.03 -2.30
CA CYS A 47 -10.99 1.29 -3.36
C CYS A 47 -11.41 -0.09 -2.85
N LEU A 48 -12.41 -0.67 -3.45
CA LEU A 48 -12.86 -2.01 -2.99
C LEU A 48 -12.15 -3.09 -3.81
N GLY A 1 10.82 -12.42 -0.37
CA GLY A 1 9.74 -11.44 -0.70
C GLY A 1 8.56 -12.16 -1.34
N SER A 2 8.17 -11.76 -2.52
CA SER A 2 7.02 -12.43 -3.20
C SER A 2 5.77 -12.36 -2.31
N ALA A 3 4.76 -11.65 -2.74
CA ALA A 3 3.51 -11.55 -1.92
C ALA A 3 3.79 -10.77 -0.65
N MET A 4 4.64 -11.28 0.20
CA MET A 4 4.95 -10.56 1.47
C MET A 4 5.24 -9.09 1.20
N GLY A 5 4.23 -8.28 1.21
CA GLY A 5 4.44 -6.83 0.94
C GLY A 5 3.45 -6.37 -0.13
N CYS A 6 2.79 -5.27 0.07
CA CYS A 6 1.80 -4.80 -0.94
C CYS A 6 2.48 -3.87 -1.96
N ARG A 7 3.72 -3.55 -1.74
CA ARG A 7 4.43 -2.66 -2.71
C ARG A 7 4.64 -3.42 -4.03
N HIS A 8 4.56 -4.72 -3.99
CA HIS A 8 4.74 -5.53 -5.23
C HIS A 8 3.36 -5.88 -5.83
N PHE A 9 2.31 -5.70 -5.07
CA PHE A 9 0.96 -6.02 -5.59
C PHE A 9 0.69 -5.26 -6.89
N GLN A 10 -0.48 -5.40 -7.44
CA GLN A 10 -0.80 -4.69 -8.72
C GLN A 10 -1.40 -3.31 -8.42
N SER A 11 -2.70 -3.24 -8.31
CA SER A 11 -3.35 -1.93 -8.01
C SER A 11 -3.59 -1.78 -6.51
N CYS A 12 -4.61 -1.07 -6.12
CA CYS A 12 -4.89 -0.89 -4.67
C CYS A 12 -5.81 -2.01 -4.16
N SER A 13 -6.21 -2.90 -5.03
CA SER A 13 -7.10 -4.01 -4.60
C SER A 13 -6.37 -4.93 -3.61
N GLN A 14 -5.28 -5.51 -4.04
CA GLN A 14 -4.52 -6.42 -3.13
C GLN A 14 -3.85 -5.61 -2.02
N CYS A 15 -3.45 -4.40 -2.30
CA CYS A 15 -2.79 -3.56 -1.27
C CYS A 15 -3.65 -3.47 -0.02
N LEU A 16 -4.90 -3.11 -0.16
CA LEU A 16 -5.79 -3.00 1.03
C LEU A 16 -6.54 -4.32 1.26
N SER A 17 -6.37 -5.28 0.39
CA SER A 17 -7.07 -6.58 0.58
C SER A 17 -6.17 -7.56 1.34
N ALA A 18 -4.93 -7.20 1.55
CA ALA A 18 -4.00 -8.10 2.27
C ALA A 18 -3.05 -7.28 3.14
N PRO A 19 -3.62 -6.64 4.14
CA PRO A 19 -2.83 -5.79 5.05
C PRO A 19 -1.96 -6.61 6.04
N PRO A 20 -2.38 -7.81 6.39
CA PRO A 20 -1.57 -8.61 7.35
C PRO A 20 -0.32 -9.17 6.67
N PHE A 21 -0.40 -9.42 5.38
CA PHE A 21 0.79 -9.96 4.67
C PHE A 21 1.53 -8.82 3.96
N VAL A 22 1.26 -7.59 4.34
CA VAL A 22 1.95 -6.45 3.68
C VAL A 22 2.19 -5.31 4.68
N GLN A 23 2.86 -4.28 4.26
CA GLN A 23 3.12 -3.12 5.18
C GLN A 23 2.90 -1.80 4.44
N CYS A 24 3.12 -1.77 3.15
CA CYS A 24 2.94 -0.49 2.40
C CYS A 24 1.46 -0.11 2.31
N GLY A 25 1.17 1.02 1.76
CA GLY A 25 -0.25 1.49 1.65
C GLY A 25 -0.37 2.35 0.39
N TRP A 26 -1.52 2.89 0.14
CA TRP A 26 -1.68 3.73 -1.08
C TRP A 26 -1.31 5.18 -0.74
N CYS A 27 -0.59 5.84 -1.62
CA CYS A 27 -0.17 7.23 -1.31
C CYS A 27 -0.33 8.16 -2.52
N HIS A 28 -1.39 8.92 -2.54
CA HIS A 28 -1.62 9.89 -3.66
C HIS A 28 -1.50 9.25 -5.05
N ASP A 29 -1.39 7.95 -5.16
CA ASP A 29 -1.29 7.35 -6.54
C ASP A 29 -0.94 5.86 -6.47
N LYS A 30 0.32 5.54 -6.31
CA LYS A 30 0.72 4.10 -6.29
C LYS A 30 0.70 3.55 -4.87
N CYS A 31 1.04 2.30 -4.71
CA CYS A 31 1.02 1.67 -3.35
C CYS A 31 2.39 1.78 -2.67
N VAL A 32 2.51 2.66 -1.71
CA VAL A 32 3.80 2.81 -0.98
C VAL A 32 3.51 3.17 0.49
N ARG A 33 4.50 3.20 1.32
CA ARG A 33 4.25 3.54 2.76
C ARG A 33 4.90 4.88 3.10
N SER A 34 4.53 5.46 4.22
CA SER A 34 5.12 6.78 4.61
C SER A 34 6.62 6.81 4.31
N GLU A 35 7.30 5.72 4.51
CA GLU A 35 8.76 5.70 4.24
C GLU A 35 9.02 6.02 2.77
N GLU A 36 8.05 5.81 1.92
CA GLU A 36 8.26 6.10 0.47
C GLU A 36 7.42 7.31 0.05
N CYS A 37 6.46 7.69 0.85
CA CYS A 37 5.61 8.86 0.50
C CYS A 37 6.43 10.15 0.61
N LEU A 38 6.07 11.16 -0.14
CA LEU A 38 6.83 12.44 -0.07
C LEU A 38 6.55 13.15 1.25
N SER A 39 5.34 13.56 1.47
CA SER A 39 5.01 14.26 2.75
C SER A 39 4.56 13.25 3.81
N GLY A 40 3.96 13.70 4.86
CA GLY A 40 3.50 12.76 5.93
C GLY A 40 2.05 12.36 5.66
N THR A 41 1.77 11.87 4.49
CA THR A 41 0.36 11.47 4.17
C THR A 41 0.34 10.02 3.66
N TRP A 42 -0.42 9.17 4.30
CA TRP A 42 -0.49 7.75 3.85
C TRP A 42 -1.93 7.22 4.00
N THR A 43 -2.49 6.67 2.96
CA THR A 43 -3.88 6.15 3.05
C THR A 43 -3.90 4.65 2.81
N GLN A 44 -4.70 3.92 3.55
CA GLN A 44 -4.77 2.44 3.37
C GLN A 44 -6.21 2.00 3.21
N GLN A 45 -7.08 2.88 2.79
CA GLN A 45 -8.51 2.49 2.61
C GLN A 45 -9.17 3.36 1.54
N ILE A 46 -9.36 2.83 0.36
CA ILE A 46 -10.01 3.62 -0.72
C ILE A 46 -10.76 2.69 -1.68
N CYS A 47 -10.19 1.55 -1.98
CA CYS A 47 -10.87 0.60 -2.91
C CYS A 47 -10.89 -0.80 -2.30
N LEU A 48 -11.95 -1.54 -2.51
CA LEU A 48 -12.03 -2.91 -1.94
C LEU A 48 -11.95 -3.95 -3.06
N GLY A 1 6.79 -12.92 7.95
CA GLY A 1 7.03 -11.71 8.78
C GLY A 1 6.85 -10.46 7.93
N SER A 2 7.88 -10.01 7.28
CA SER A 2 7.77 -8.80 6.42
C SER A 2 7.80 -9.19 4.94
N ALA A 3 8.97 -9.32 4.38
CA ALA A 3 9.07 -9.70 2.94
C ALA A 3 8.53 -8.56 2.06
N MET A 4 8.17 -8.87 0.84
CA MET A 4 7.64 -7.81 -0.06
C MET A 4 6.27 -8.22 -0.63
N GLY A 5 5.21 -7.63 -0.14
CA GLY A 5 3.86 -8.00 -0.64
C GLY A 5 3.14 -6.74 -1.13
N CYS A 6 2.78 -5.86 -0.23
CA CYS A 6 2.08 -4.61 -0.64
C CYS A 6 2.94 -3.85 -1.66
N ARG A 7 4.20 -3.68 -1.38
CA ARG A 7 5.09 -2.97 -2.34
C ARG A 7 5.22 -3.81 -3.62
N HIS A 8 4.89 -5.08 -3.53
CA HIS A 8 4.98 -5.95 -4.73
C HIS A 8 3.68 -5.87 -5.54
N PHE A 9 2.66 -5.28 -4.96
CA PHE A 9 1.36 -5.16 -5.68
C PHE A 9 1.46 -4.04 -6.73
N GLN A 10 0.45 -3.88 -7.55
CA GLN A 10 0.50 -2.81 -8.59
C GLN A 10 -0.68 -1.86 -8.43
N SER A 11 -1.80 -2.36 -8.01
CA SER A 11 -2.99 -1.48 -7.83
C SER A 11 -3.37 -1.39 -6.36
N CYS A 12 -4.54 -0.87 -6.07
CA CYS A 12 -4.97 -0.75 -4.64
C CYS A 12 -5.73 -2.01 -4.21
N SER A 13 -6.18 -2.79 -5.16
CA SER A 13 -6.93 -4.03 -4.80
C SER A 13 -6.17 -4.85 -3.75
N GLN A 14 -4.97 -5.28 -4.07
CA GLN A 14 -4.20 -6.07 -3.09
C GLN A 14 -3.59 -5.15 -2.03
N CYS A 15 -3.23 -3.95 -2.41
CA CYS A 15 -2.63 -3.01 -1.43
C CYS A 15 -3.50 -2.98 -0.15
N LEU A 16 -4.79 -3.09 -0.31
CA LEU A 16 -5.69 -3.07 0.88
C LEU A 16 -6.34 -4.44 1.12
N SER A 17 -6.28 -5.33 0.15
CA SER A 17 -6.92 -6.67 0.34
C SER A 17 -5.97 -7.62 1.05
N ALA A 18 -4.77 -7.21 1.33
CA ALA A 18 -3.82 -8.13 2.01
C ALA A 18 -2.93 -7.35 2.99
N PRO A 19 -3.58 -6.73 3.94
CA PRO A 19 -2.86 -5.93 4.95
C PRO A 19 -2.13 -6.80 6.01
N PRO A 20 -2.63 -7.99 6.28
CA PRO A 20 -1.95 -8.85 7.30
C PRO A 20 -0.68 -9.46 6.71
N PHE A 21 -0.59 -9.56 5.42
CA PHE A 21 0.62 -10.16 4.78
C PHE A 21 1.56 -9.06 4.29
N VAL A 22 1.26 -7.82 4.58
CA VAL A 22 2.15 -6.73 4.10
C VAL A 22 2.18 -5.55 5.08
N GLN A 23 2.82 -4.48 4.69
CA GLN A 23 2.90 -3.29 5.59
C GLN A 23 2.70 -1.98 4.79
N CYS A 24 3.04 -1.97 3.52
CA CYS A 24 2.89 -0.72 2.72
C CYS A 24 1.39 -0.35 2.61
N GLY A 25 1.10 0.81 2.11
CA GLY A 25 -0.33 1.25 2.00
C GLY A 25 -0.51 2.10 0.75
N TRP A 26 -1.69 2.61 0.52
CA TRP A 26 -1.90 3.46 -0.69
C TRP A 26 -1.56 4.90 -0.35
N CYS A 27 -0.96 5.62 -1.27
CA CYS A 27 -0.59 7.03 -0.95
C CYS A 27 -0.99 8.00 -2.08
N HIS A 28 -2.10 8.65 -1.92
CA HIS A 28 -2.59 9.64 -2.94
C HIS A 28 -2.24 9.26 -4.39
N ASP A 29 -2.01 8.00 -4.68
CA ASP A 29 -1.69 7.63 -6.11
C ASP A 29 -1.19 6.19 -6.22
N LYS A 30 0.01 5.92 -5.80
CA LYS A 30 0.55 4.53 -5.91
C LYS A 30 0.43 3.80 -4.57
N CYS A 31 0.71 2.53 -4.57
CA CYS A 31 0.62 1.75 -3.30
C CYS A 31 2.00 1.69 -2.62
N VAL A 32 2.19 2.46 -1.58
CA VAL A 32 3.50 2.46 -0.86
C VAL A 32 3.28 2.92 0.58
N ARG A 33 4.30 2.91 1.40
CA ARG A 33 4.09 3.35 2.81
C ARG A 33 4.79 4.70 3.04
N SER A 34 4.48 5.35 4.12
CA SER A 34 5.10 6.68 4.42
C SER A 34 6.60 6.67 4.05
N GLU A 35 7.31 5.64 4.41
CA GLU A 35 8.76 5.59 4.08
C GLU A 35 8.98 5.71 2.56
N GLU A 36 7.94 5.51 1.78
CA GLU A 36 8.09 5.61 0.30
C GLU A 36 7.22 6.75 -0.23
N CYS A 37 6.30 7.23 0.55
CA CYS A 37 5.42 8.33 0.07
C CYS A 37 6.22 9.64 -0.03
N LEU A 38 5.94 10.46 -1.01
CA LEU A 38 6.68 11.74 -1.14
C LEU A 38 6.34 12.69 0.01
N SER A 39 5.08 13.01 0.15
CA SER A 39 4.67 13.92 1.26
C SER A 39 4.58 13.15 2.58
N GLY A 40 4.05 13.76 3.60
CA GLY A 40 3.93 13.05 4.91
C GLY A 40 2.50 12.54 5.09
N THR A 41 1.93 11.96 4.07
CA THR A 41 0.54 11.45 4.20
C THR A 41 0.46 9.99 3.70
N TRP A 42 -0.26 9.17 4.42
CA TRP A 42 -0.40 7.74 4.00
C TRP A 42 -1.83 7.26 4.21
N THR A 43 -2.40 6.61 3.24
CA THR A 43 -3.79 6.11 3.39
C THR A 43 -3.86 4.61 3.12
N GLN A 44 -4.80 3.94 3.73
CA GLN A 44 -4.91 2.46 3.50
C GLN A 44 -6.38 2.10 3.27
N GLN A 45 -7.19 3.03 2.85
CA GLN A 45 -8.62 2.73 2.61
C GLN A 45 -9.16 3.57 1.45
N ILE A 46 -9.34 2.98 0.31
CA ILE A 46 -9.85 3.75 -0.86
C ILE A 46 -10.65 2.83 -1.80
N CYS A 47 -10.08 1.76 -2.23
CA CYS A 47 -10.80 0.82 -3.14
C CYS A 47 -11.66 -0.16 -2.33
N LEU A 48 -12.70 -0.68 -2.92
CA LEU A 48 -13.57 -1.64 -2.19
C LEU A 48 -13.09 -3.08 -2.43
N GLY A 1 8.39 -8.15 2.06
CA GLY A 1 7.49 -9.25 1.61
C GLY A 1 7.95 -9.74 0.24
N SER A 2 8.95 -10.57 0.20
CA SER A 2 9.45 -11.08 -1.10
C SER A 2 8.36 -11.89 -1.80
N ALA A 3 7.31 -12.23 -1.09
CA ALA A 3 6.21 -13.02 -1.73
C ALA A 3 5.13 -12.08 -2.27
N MET A 4 4.24 -11.64 -1.42
CA MET A 4 3.16 -10.71 -1.88
C MET A 4 3.28 -9.38 -1.16
N GLY A 5 4.42 -8.74 -1.24
CA GLY A 5 4.60 -7.43 -0.56
C GLY A 5 3.54 -6.44 -1.06
N CYS A 6 3.13 -5.53 -0.22
CA CYS A 6 2.11 -4.53 -0.63
C CYS A 6 2.73 -3.53 -1.62
N ARG A 7 3.96 -3.15 -1.41
CA ARG A 7 4.61 -2.20 -2.35
C ARG A 7 4.73 -2.84 -3.73
N HIS A 8 4.55 -4.13 -3.81
CA HIS A 8 4.64 -4.82 -5.13
C HIS A 8 3.28 -4.76 -5.83
N PHE A 9 2.21 -4.71 -5.08
CA PHE A 9 0.87 -4.64 -5.71
C PHE A 9 0.79 -3.48 -6.69
N GLN A 10 0.25 -3.71 -7.86
CA GLN A 10 0.16 -2.61 -8.86
C GLN A 10 -1.12 -1.79 -8.65
N SER A 11 -2.13 -2.40 -8.10
CA SER A 11 -3.41 -1.67 -7.88
C SER A 11 -3.70 -1.55 -6.38
N CYS A 12 -4.62 -0.71 -6.00
CA CYS A 12 -4.94 -0.56 -4.55
C CYS A 12 -5.76 -1.75 -4.06
N SER A 13 -6.17 -2.61 -4.96
CA SER A 13 -6.98 -3.79 -4.53
C SER A 13 -6.18 -4.65 -3.56
N GLN A 14 -5.05 -5.17 -3.98
CA GLN A 14 -4.21 -6.00 -3.08
C GLN A 14 -3.67 -5.15 -1.93
N CYS A 15 -3.39 -3.90 -2.20
CA CYS A 15 -2.86 -3.02 -1.13
C CYS A 15 -3.71 -3.11 0.13
N LEU A 16 -5.00 -2.99 -0.01
CA LEU A 16 -5.89 -3.07 1.19
C LEU A 16 -6.53 -4.46 1.29
N SER A 17 -6.23 -5.33 0.36
CA SER A 17 -6.83 -6.70 0.42
C SER A 17 -5.82 -7.70 1.00
N ALA A 18 -4.60 -7.27 1.22
CA ALA A 18 -3.59 -8.20 1.78
C ALA A 18 -2.66 -7.45 2.74
N PRO A 19 -3.27 -6.78 3.68
CA PRO A 19 -2.51 -6.00 4.68
C PRO A 19 -1.80 -6.89 5.73
N PRO A 20 -2.34 -8.06 6.02
CA PRO A 20 -1.69 -8.93 7.03
C PRO A 20 -0.41 -9.55 6.47
N PHE A 21 -0.29 -9.65 5.17
CA PHE A 21 0.93 -10.24 4.57
C PHE A 21 1.82 -9.13 4.00
N VAL A 22 1.63 -7.91 4.44
CA VAL A 22 2.46 -6.79 3.91
C VAL A 22 2.60 -5.68 4.96
N GLN A 23 3.13 -4.56 4.57
CA GLN A 23 3.31 -3.43 5.52
C GLN A 23 3.22 -2.09 4.78
N CYS A 24 2.78 -2.09 3.55
CA CYS A 24 2.68 -0.81 2.79
C CYS A 24 1.22 -0.36 2.71
N GLY A 25 0.99 0.80 2.16
CA GLY A 25 -0.40 1.33 2.06
C GLY A 25 -0.55 2.15 0.77
N TRP A 26 -1.70 2.72 0.54
CA TRP A 26 -1.91 3.53 -0.69
C TRP A 26 -1.49 4.97 -0.43
N CYS A 27 -0.80 5.59 -1.35
CA CYS A 27 -0.36 7.00 -1.11
C CYS A 27 -0.65 7.87 -2.34
N HIS A 28 -1.73 8.59 -2.32
CA HIS A 28 -2.08 9.51 -3.45
C HIS A 28 -2.05 8.83 -4.84
N ASP A 29 -1.64 7.59 -4.98
CA ASP A 29 -1.62 6.97 -6.34
C ASP A 29 -0.89 5.63 -6.31
N LYS A 30 0.33 5.61 -5.86
CA LYS A 30 1.10 4.34 -5.83
C LYS A 30 0.92 3.66 -4.46
N CYS A 31 1.30 2.41 -4.35
CA CYS A 31 1.14 1.71 -3.05
C CYS A 31 2.45 1.76 -2.26
N VAL A 32 2.49 2.57 -1.24
CA VAL A 32 3.74 2.67 -0.42
C VAL A 32 3.39 2.95 1.04
N ARG A 33 4.37 2.95 1.91
CA ARG A 33 4.08 3.22 3.35
C ARG A 33 4.66 4.58 3.76
N SER A 34 4.19 5.13 4.84
CA SER A 34 4.70 6.46 5.30
C SER A 34 6.21 6.58 5.07
N GLU A 35 6.94 5.49 5.13
CA GLU A 35 8.41 5.57 4.91
C GLU A 35 8.73 5.81 3.42
N GLU A 36 7.88 5.38 2.54
CA GLU A 36 8.13 5.57 1.09
C GLU A 36 7.18 6.63 0.52
N CYS A 37 6.26 7.09 1.31
CA CYS A 37 5.30 8.12 0.82
C CYS A 37 6.01 9.46 0.63
N LEU A 38 6.40 9.79 -0.56
CA LEU A 38 7.09 11.09 -0.79
C LEU A 38 6.08 12.23 -0.66
N SER A 39 4.82 11.92 -0.66
CA SER A 39 3.78 12.99 -0.53
C SER A 39 3.78 13.54 0.90
N GLY A 40 3.80 12.68 1.88
CA GLY A 40 3.79 13.15 3.29
C GLY A 40 2.55 12.61 4.00
N THR A 41 1.71 11.90 3.31
CA THR A 41 0.49 11.33 3.95
C THR A 41 0.29 9.88 3.53
N TRP A 42 -0.08 9.03 4.44
CA TRP A 42 -0.29 7.60 4.09
C TRP A 42 -1.77 7.22 4.26
N THR A 43 -2.37 6.62 3.26
CA THR A 43 -3.81 6.23 3.39
C THR A 43 -3.97 4.74 3.07
N GLN A 44 -4.77 4.05 3.83
CA GLN A 44 -4.98 2.59 3.57
C GLN A 44 -6.47 2.30 3.32
N GLN A 45 -7.21 3.27 2.88
CA GLN A 45 -8.66 3.04 2.63
C GLN A 45 -9.12 3.85 1.41
N ILE A 46 -9.32 3.18 0.30
CA ILE A 46 -9.78 3.90 -0.92
C ILE A 46 -10.61 2.97 -1.79
N CYS A 47 -10.17 1.76 -1.97
CA CYS A 47 -10.93 0.80 -2.81
C CYS A 47 -11.00 -0.57 -2.12
N LEU A 48 -12.15 -1.18 -2.10
CA LEU A 48 -12.27 -2.51 -1.44
C LEU A 48 -11.42 -3.56 -2.17
N GLY A 1 1.12 -19.51 -3.78
CA GLY A 1 2.17 -18.58 -3.28
C GLY A 1 2.19 -17.32 -4.15
N SER A 2 1.94 -16.17 -3.56
CA SER A 2 1.95 -14.91 -4.35
C SER A 2 2.10 -13.72 -3.41
N ALA A 3 1.68 -12.55 -3.85
CA ALA A 3 1.80 -11.35 -2.98
C ALA A 3 3.19 -11.30 -2.34
N MET A 4 4.15 -10.72 -3.01
CA MET A 4 5.52 -10.64 -2.44
C MET A 4 5.68 -9.37 -1.61
N GLY A 5 4.60 -8.75 -1.24
CA GLY A 5 4.69 -7.50 -0.43
C GLY A 5 3.80 -6.43 -1.04
N CYS A 6 3.02 -5.76 -0.23
CA CYS A 6 2.14 -4.69 -0.77
C CYS A 6 2.91 -3.82 -1.76
N ARG A 7 4.21 -3.75 -1.61
CA ARG A 7 5.02 -2.93 -2.55
C ARG A 7 5.04 -3.57 -3.94
N HIS A 8 4.67 -4.82 -4.04
CA HIS A 8 4.68 -5.51 -5.36
C HIS A 8 3.24 -5.61 -5.90
N PHE A 9 2.27 -5.24 -5.11
CA PHE A 9 0.86 -5.33 -5.59
C PHE A 9 0.65 -4.39 -6.78
N GLN A 10 -0.05 -4.84 -7.79
CA GLN A 10 -0.29 -3.98 -8.98
C GLN A 10 -1.27 -2.85 -8.64
N SER A 11 -2.54 -3.10 -8.76
CA SER A 11 -3.54 -2.05 -8.44
C SER A 11 -3.62 -1.82 -6.93
N CYS A 12 -4.67 -1.20 -6.46
CA CYS A 12 -4.79 -0.96 -5.00
C CYS A 12 -5.67 -2.04 -4.37
N SER A 13 -6.23 -2.92 -5.16
CA SER A 13 -7.10 -3.98 -4.60
C SER A 13 -6.31 -4.80 -3.57
N GLN A 14 -5.24 -5.41 -3.99
CA GLN A 14 -4.42 -6.21 -3.03
C GLN A 14 -3.79 -5.28 -1.98
N CYS A 15 -3.46 -4.08 -2.37
CA CYS A 15 -2.85 -3.12 -1.42
C CYS A 15 -3.69 -3.02 -0.14
N LEU A 16 -4.99 -3.05 -0.26
CA LEU A 16 -5.86 -2.95 0.95
C LEU A 16 -6.56 -4.29 1.21
N SER A 17 -6.39 -5.25 0.34
CA SER A 17 -7.05 -6.56 0.56
C SER A 17 -6.12 -7.50 1.35
N ALA A 18 -4.88 -7.14 1.48
CA ALA A 18 -3.93 -8.00 2.25
C ALA A 18 -2.92 -7.14 3.02
N PRO A 19 -3.45 -6.33 3.90
CA PRO A 19 -2.61 -5.43 4.72
C PRO A 19 -1.86 -6.15 5.86
N PRO A 20 -2.39 -7.25 6.36
CA PRO A 20 -1.69 -7.96 7.48
C PRO A 20 -0.45 -8.69 6.96
N PHE A 21 -0.43 -9.07 5.72
CA PHE A 21 0.75 -9.79 5.17
C PHE A 21 1.66 -8.82 4.43
N VAL A 22 1.55 -7.54 4.69
CA VAL A 22 2.39 -6.56 3.99
C VAL A 22 2.77 -5.39 4.90
N GLN A 23 3.49 -4.44 4.38
CA GLN A 23 3.88 -3.26 5.20
C GLN A 23 3.80 -1.99 4.35
N CYS A 24 3.06 -2.03 3.27
CA CYS A 24 2.93 -0.83 2.40
C CYS A 24 1.45 -0.44 2.29
N GLY A 25 1.19 0.78 1.91
CA GLY A 25 -0.22 1.26 1.80
C GLY A 25 -0.36 2.12 0.54
N TRP A 26 -1.53 2.65 0.29
CA TRP A 26 -1.72 3.49 -0.92
C TRP A 26 -1.40 4.95 -0.57
N CYS A 27 -0.84 5.68 -1.50
CA CYS A 27 -0.49 7.10 -1.20
C CYS A 27 -0.77 8.01 -2.40
N HIS A 28 -1.90 8.67 -2.40
CA HIS A 28 -2.25 9.61 -3.51
C HIS A 28 -2.32 8.94 -4.90
N ASP A 29 -1.88 7.73 -5.07
CA ASP A 29 -1.94 7.10 -6.43
C ASP A 29 -1.19 5.77 -6.46
N LYS A 30 0.01 5.73 -5.93
CA LYS A 30 0.79 4.47 -5.96
C LYS A 30 0.73 3.77 -4.61
N CYS A 31 1.13 2.52 -4.56
CA CYS A 31 1.09 1.77 -3.28
C CYS A 31 2.44 1.87 -2.57
N VAL A 32 2.51 2.67 -1.55
CA VAL A 32 3.79 2.82 -0.80
C VAL A 32 3.49 3.08 0.68
N ARG A 33 4.49 3.09 1.53
CA ARG A 33 4.22 3.33 2.98
C ARG A 33 4.81 4.67 3.40
N SER A 34 4.45 5.14 4.56
CA SER A 34 4.96 6.45 5.07
C SER A 34 6.42 6.68 4.65
N GLU A 35 7.30 5.78 4.99
CA GLU A 35 8.73 5.97 4.63
C GLU A 35 8.93 6.13 3.12
N GLU A 36 7.95 5.76 2.33
CA GLU A 36 8.12 5.90 0.85
C GLU A 36 7.09 6.87 0.27
N CYS A 37 6.19 7.35 1.08
CA CYS A 37 5.17 8.31 0.56
C CYS A 37 5.81 9.66 0.27
N LEU A 38 5.40 10.31 -0.79
CA LEU A 38 5.99 11.64 -1.11
C LEU A 38 5.86 12.59 0.09
N SER A 39 4.65 12.85 0.50
CA SER A 39 4.45 13.76 1.67
C SER A 39 4.23 12.94 2.95
N GLY A 40 4.14 13.59 4.07
CA GLY A 40 3.93 12.84 5.34
C GLY A 40 2.47 12.35 5.39
N THR A 41 2.05 11.60 4.42
CA THR A 41 0.65 11.10 4.42
C THR A 41 0.60 9.64 3.93
N TRP A 42 -0.27 8.85 4.51
CA TRP A 42 -0.37 7.42 4.09
C TRP A 42 -1.82 6.93 4.25
N THR A 43 -2.37 6.28 3.27
CA THR A 43 -3.78 5.79 3.40
C THR A 43 -3.88 4.29 3.10
N GLN A 44 -4.75 3.62 3.80
CA GLN A 44 -4.93 2.16 3.56
C GLN A 44 -6.39 1.85 3.24
N GLN A 45 -7.14 2.85 2.87
CA GLN A 45 -8.58 2.62 2.53
C GLN A 45 -9.08 3.68 1.56
N ILE A 46 -9.21 3.34 0.31
CA ILE A 46 -9.71 4.33 -0.69
C ILE A 46 -10.45 3.61 -1.82
N CYS A 47 -9.96 2.47 -2.22
CA CYS A 47 -10.62 1.71 -3.32
C CYS A 47 -10.72 0.22 -2.96
N LEU A 48 -11.56 -0.51 -3.64
CA LEU A 48 -11.70 -1.96 -3.34
C LEU A 48 -10.47 -2.73 -3.87
N GLY A 1 12.50 -1.07 1.52
CA GLY A 1 12.05 -2.24 0.71
C GLY A 1 12.71 -3.51 1.23
N SER A 2 12.02 -4.27 2.04
CA SER A 2 12.63 -5.52 2.58
C SER A 2 11.69 -6.71 2.32
N ALA A 3 10.44 -6.59 2.70
CA ALA A 3 9.50 -7.72 2.48
C ALA A 3 8.85 -7.61 1.09
N MET A 4 8.18 -8.66 0.66
CA MET A 4 7.53 -8.62 -0.67
C MET A 4 6.02 -8.86 -0.52
N GLY A 5 5.26 -7.81 -0.36
CA GLY A 5 3.78 -7.98 -0.20
C GLY A 5 3.04 -6.98 -1.09
N CYS A 6 2.38 -6.03 -0.50
CA CYS A 6 1.61 -5.03 -1.31
C CYS A 6 2.52 -4.32 -2.30
N ARG A 7 3.74 -4.03 -1.92
CA ARG A 7 4.66 -3.33 -2.87
C ARG A 7 4.80 -4.16 -4.15
N HIS A 8 4.40 -5.40 -4.11
CA HIS A 8 4.51 -6.25 -5.32
C HIS A 8 3.11 -6.43 -5.96
N PHE A 9 2.08 -6.18 -5.20
CA PHE A 9 0.69 -6.33 -5.75
C PHE A 9 0.53 -5.49 -7.02
N GLN A 10 -0.68 -5.22 -7.40
CA GLN A 10 -0.92 -4.39 -8.63
C GLN A 10 -1.72 -3.14 -8.27
N SER A 11 -3.01 -3.15 -8.49
CA SER A 11 -3.83 -1.95 -8.14
C SER A 11 -3.99 -1.82 -6.62
N CYS A 12 -4.68 -0.81 -6.18
CA CYS A 12 -4.89 -0.63 -4.72
C CYS A 12 -5.82 -1.70 -4.17
N SER A 13 -6.36 -2.53 -5.02
CA SER A 13 -7.29 -3.59 -4.53
C SER A 13 -6.58 -4.51 -3.54
N GLN A 14 -5.53 -5.17 -3.95
CA GLN A 14 -4.81 -6.07 -3.02
C GLN A 14 -4.01 -5.27 -2.00
N CYS A 15 -3.45 -4.16 -2.43
CA CYS A 15 -2.65 -3.33 -1.48
C CYS A 15 -3.45 -3.05 -0.21
N LEU A 16 -4.75 -2.93 -0.32
CA LEU A 16 -5.58 -2.65 0.88
C LEU A 16 -6.45 -3.86 1.22
N SER A 17 -6.43 -4.89 0.40
CA SER A 17 -7.25 -6.09 0.70
C SER A 17 -6.44 -7.09 1.54
N ALA A 18 -5.15 -6.87 1.66
CA ALA A 18 -4.31 -7.80 2.45
C ALA A 18 -3.23 -7.01 3.20
N PRO A 19 -3.69 -6.28 4.19
CA PRO A 19 -2.77 -5.45 5.01
C PRO A 19 -1.91 -6.27 6.00
N PRO A 20 -2.39 -7.42 6.44
CA PRO A 20 -1.59 -8.22 7.41
C PRO A 20 -0.39 -8.88 6.71
N PHE A 21 -0.53 -9.25 5.47
CA PHE A 21 0.61 -9.89 4.75
C PHE A 21 1.44 -8.82 4.04
N VAL A 22 1.24 -7.58 4.38
CA VAL A 22 2.02 -6.50 3.72
C VAL A 22 2.36 -5.39 4.73
N GLN A 23 2.85 -4.28 4.25
CA GLN A 23 3.22 -3.16 5.18
C GLN A 23 3.04 -1.81 4.47
N CYS A 24 3.37 -1.74 3.21
CA CYS A 24 3.22 -0.45 2.48
C CYS A 24 1.74 -0.06 2.38
N GLY A 25 1.45 1.09 1.85
CA GLY A 25 0.03 1.53 1.72
C GLY A 25 -0.13 2.34 0.42
N TRP A 26 -1.31 2.83 0.15
CA TRP A 26 -1.49 3.63 -1.09
C TRP A 26 -1.18 5.10 -0.77
N CYS A 27 -0.51 5.79 -1.65
CA CYS A 27 -0.15 7.20 -1.34
C CYS A 27 -0.33 8.11 -2.56
N HIS A 28 -1.43 8.80 -2.62
CA HIS A 28 -1.68 9.76 -3.76
C HIS A 28 -1.67 9.09 -5.14
N ASP A 29 -1.35 7.82 -5.26
CA ASP A 29 -1.34 7.19 -6.62
C ASP A 29 -0.71 5.80 -6.59
N LYS A 30 0.51 5.69 -6.16
CA LYS A 30 1.19 4.35 -6.14
C LYS A 30 1.12 3.74 -4.75
N CYS A 31 1.37 2.46 -4.65
CA CYS A 31 1.33 1.79 -3.32
C CYS A 31 2.68 1.90 -2.62
N VAL A 32 2.77 2.77 -1.65
CA VAL A 32 4.04 2.94 -0.90
C VAL A 32 3.71 3.32 0.55
N ARG A 33 4.69 3.40 1.41
CA ARG A 33 4.39 3.78 2.82
C ARG A 33 5.11 5.08 3.20
N SER A 34 4.85 5.57 4.38
CA SER A 34 5.49 6.84 4.83
C SER A 34 6.96 6.87 4.39
N GLU A 35 7.60 5.74 4.30
CA GLU A 35 9.04 5.72 3.89
C GLU A 35 9.18 6.25 2.46
N GLU A 36 8.14 6.14 1.68
CA GLU A 36 8.22 6.64 0.28
C GLU A 36 7.42 7.93 0.12
N CYS A 37 6.38 8.10 0.89
CA CYS A 37 5.57 9.35 0.79
C CYS A 37 6.36 10.54 1.32
N LEU A 38 6.90 11.35 0.44
CA LEU A 38 7.69 12.52 0.90
C LEU A 38 6.89 13.32 1.93
N SER A 39 5.62 13.53 1.67
CA SER A 39 4.77 14.28 2.64
C SER A 39 4.32 13.36 3.77
N GLY A 40 3.39 13.79 4.57
CA GLY A 40 2.90 12.93 5.68
C GLY A 40 1.49 12.44 5.37
N THR A 41 1.32 11.78 4.25
CA THR A 41 -0.04 11.28 3.88
C THR A 41 0.04 9.79 3.52
N TRP A 42 -0.80 8.98 4.12
CA TRP A 42 -0.77 7.52 3.80
C TRP A 42 -2.18 6.94 3.97
N THR A 43 -2.66 6.22 2.98
CA THR A 43 -4.02 5.63 3.10
C THR A 43 -3.96 4.11 2.93
N GLN A 44 -4.77 3.39 3.65
CA GLN A 44 -4.75 1.91 3.53
C GLN A 44 -6.17 1.37 3.30
N GLN A 45 -7.08 2.22 2.87
CA GLN A 45 -8.47 1.75 2.62
C GLN A 45 -9.17 2.69 1.63
N ILE A 46 -9.31 2.26 0.40
CA ILE A 46 -10.01 3.11 -0.62
C ILE A 46 -10.65 2.22 -1.69
N CYS A 47 -10.02 1.12 -2.02
CA CYS A 47 -10.59 0.21 -3.06
C CYS A 47 -11.09 -1.08 -2.40
N LEU A 48 -12.35 -1.36 -2.50
CA LEU A 48 -12.89 -2.62 -1.88
C LEU A 48 -12.58 -3.82 -2.77
N GLY A 1 -1.03 -18.16 0.69
CA GLY A 1 -2.48 -18.19 0.99
C GLY A 1 -3.13 -16.90 0.51
N SER A 2 -2.35 -15.89 0.24
CA SER A 2 -2.92 -14.60 -0.23
C SER A 2 -1.93 -13.88 -1.15
N ALA A 3 -0.74 -13.63 -0.69
CA ALA A 3 0.27 -12.93 -1.54
C ALA A 3 1.59 -12.79 -0.78
N MET A 4 2.39 -11.81 -1.14
CA MET A 4 3.70 -11.63 -0.44
C MET A 4 3.79 -10.24 0.18
N GLY A 5 4.07 -9.24 -0.60
CA GLY A 5 4.19 -7.87 -0.03
C GLY A 5 3.14 -6.94 -0.68
N CYS A 6 2.91 -5.80 -0.09
CA CYS A 6 1.92 -4.84 -0.66
C CYS A 6 2.49 -4.16 -1.91
N ARG A 7 3.76 -3.85 -1.89
CA ARG A 7 4.37 -3.19 -3.09
C ARG A 7 4.24 -4.11 -4.30
N HIS A 8 4.31 -5.40 -4.09
CA HIS A 8 4.18 -6.35 -5.22
C HIS A 8 2.78 -6.25 -5.83
N PHE A 9 1.79 -6.02 -5.02
CA PHE A 9 0.40 -5.91 -5.55
C PHE A 9 0.35 -4.84 -6.65
N GLN A 10 -0.14 -5.20 -7.81
CA GLN A 10 -0.20 -4.22 -8.94
C GLN A 10 -1.20 -3.09 -8.62
N SER A 11 -2.47 -3.38 -8.69
CA SER A 11 -3.49 -2.32 -8.41
C SER A 11 -3.64 -2.14 -6.90
N CYS A 12 -4.72 -1.52 -6.49
CA CYS A 12 -4.94 -1.28 -5.03
C CYS A 12 -5.76 -2.43 -4.44
N SER A 13 -6.36 -3.24 -5.28
CA SER A 13 -7.19 -4.37 -4.76
C SER A 13 -6.46 -5.10 -3.64
N GLN A 14 -5.31 -5.67 -3.91
CA GLN A 14 -4.57 -6.40 -2.84
C GLN A 14 -3.89 -5.42 -1.87
N CYS A 15 -3.51 -4.28 -2.36
CA CYS A 15 -2.84 -3.29 -1.46
C CYS A 15 -3.62 -3.14 -0.17
N LEU A 16 -4.92 -3.25 -0.25
CA LEU A 16 -5.76 -3.11 0.98
C LEU A 16 -6.39 -4.45 1.36
N SER A 17 -6.38 -5.41 0.48
CA SER A 17 -6.97 -6.74 0.80
C SER A 17 -6.13 -7.47 1.82
N ALA A 18 -4.87 -7.15 1.89
CA ALA A 18 -3.98 -7.86 2.85
C ALA A 18 -2.94 -6.90 3.42
N PRO A 19 -3.43 -5.96 4.19
CA PRO A 19 -2.55 -4.96 4.84
C PRO A 19 -1.74 -5.55 6.01
N PRO A 20 -2.26 -6.57 6.69
CA PRO A 20 -1.51 -7.15 7.82
C PRO A 20 -0.36 -8.03 7.32
N PHE A 21 -0.50 -8.58 6.14
CA PHE A 21 0.57 -9.45 5.59
C PHE A 21 1.56 -8.62 4.78
N VAL A 22 1.40 -7.32 4.77
CA VAL A 22 2.33 -6.47 3.99
C VAL A 22 2.73 -5.24 4.81
N GLN A 23 3.49 -4.34 4.24
CA GLN A 23 3.91 -3.12 4.99
C GLN A 23 3.79 -1.88 4.10
N CYS A 24 3.12 -1.99 2.99
CA CYS A 24 2.96 -0.80 2.10
C CYS A 24 1.48 -0.42 2.00
N GLY A 25 1.20 0.79 1.58
CA GLY A 25 -0.22 1.25 1.49
C GLY A 25 -0.38 2.15 0.27
N TRP A 26 -1.55 2.67 0.05
CA TRP A 26 -1.77 3.56 -1.13
C TRP A 26 -1.43 5.01 -0.74
N CYS A 27 -0.74 5.72 -1.59
CA CYS A 27 -0.36 7.12 -1.23
C CYS A 27 -0.56 8.07 -2.43
N HIS A 28 -1.66 8.77 -2.44
CA HIS A 28 -1.94 9.77 -3.52
C HIS A 28 -2.08 9.14 -4.92
N ASP A 29 -1.75 7.88 -5.11
CA ASP A 29 -1.91 7.28 -6.48
C ASP A 29 -1.25 5.89 -6.55
N LYS A 30 -0.02 5.78 -6.16
CA LYS A 30 0.67 4.46 -6.24
C LYS A 30 0.73 3.78 -4.87
N CYS A 31 0.83 2.49 -4.85
CA CYS A 31 0.89 1.77 -3.55
C CYS A 31 2.29 1.88 -2.93
N VAL A 32 2.42 2.70 -1.93
CA VAL A 32 3.74 2.87 -1.26
C VAL A 32 3.51 3.14 0.23
N ARG A 33 4.56 3.22 1.01
CA ARG A 33 4.36 3.47 2.47
C ARG A 33 4.96 4.83 2.86
N SER A 34 4.79 5.23 4.09
CA SER A 34 5.35 6.53 4.54
C SER A 34 6.79 6.67 4.08
N GLU A 35 7.52 5.58 4.05
CA GLU A 35 8.94 5.64 3.60
C GLU A 35 9.01 6.15 2.16
N GLU A 36 7.92 6.16 1.46
CA GLU A 36 7.93 6.63 0.04
C GLU A 36 7.03 7.85 -0.11
N CYS A 37 6.10 8.04 0.80
CA CYS A 37 5.20 9.23 0.69
C CYS A 37 5.98 10.51 0.99
N LEU A 38 5.73 11.56 0.26
CA LEU A 38 6.46 12.83 0.50
C LEU A 38 6.40 13.21 1.98
N SER A 39 5.27 13.66 2.44
CA SER A 39 5.15 14.04 3.88
C SER A 39 4.79 12.82 4.72
N GLY A 40 4.25 13.03 5.88
CA GLY A 40 3.86 11.88 6.75
C GLY A 40 2.42 11.47 6.43
N THR A 41 2.02 11.58 5.19
CA THR A 41 0.63 11.19 4.83
C THR A 41 0.63 9.83 4.12
N TRP A 42 -0.17 8.91 4.61
CA TRP A 42 -0.23 7.56 3.99
C TRP A 42 -1.65 7.00 4.13
N THR A 43 -2.22 6.47 3.09
CA THR A 43 -3.61 5.93 3.19
C THR A 43 -3.67 4.48 2.73
N GLN A 44 -4.61 3.73 3.26
CA GLN A 44 -4.75 2.31 2.86
C GLN A 44 -6.23 1.97 2.64
N GLN A 45 -7.00 2.93 2.20
CA GLN A 45 -8.45 2.67 1.98
C GLN A 45 -8.95 3.54 0.82
N ILE A 46 -9.15 2.95 -0.33
CA ILE A 46 -9.65 3.74 -1.49
C ILE A 46 -10.49 2.87 -2.43
N CYS A 47 -10.20 1.60 -2.51
CA CYS A 47 -10.97 0.71 -3.43
C CYS A 47 -11.90 -0.21 -2.62
N LEU A 48 -13.18 0.03 -2.67
CA LEU A 48 -14.13 -0.83 -1.90
C LEU A 48 -14.69 -1.92 -2.80
N GLY A 1 7.76 -14.82 5.74
CA GLY A 1 6.27 -14.81 5.90
C GLY A 1 5.68 -13.69 5.06
N SER A 2 5.30 -13.99 3.84
CA SER A 2 4.71 -12.94 2.97
C SER A 2 5.50 -11.64 3.09
N ALA A 3 6.81 -11.75 3.12
CA ALA A 3 7.66 -10.53 3.24
C ALA A 3 7.42 -9.61 2.04
N MET A 4 8.36 -8.74 1.76
CA MET A 4 8.20 -7.81 0.59
C MET A 4 7.17 -6.74 0.92
N GLY A 5 5.91 -7.11 0.98
CA GLY A 5 4.86 -6.11 1.29
C GLY A 5 3.90 -5.97 0.12
N CYS A 6 2.97 -5.07 0.20
CA CYS A 6 2.01 -4.89 -0.93
C CYS A 6 2.60 -3.96 -1.99
N ARG A 7 3.80 -3.48 -1.77
CA ARG A 7 4.43 -2.59 -2.79
C ARG A 7 4.54 -3.34 -4.11
N HIS A 8 4.63 -4.64 -4.04
CA HIS A 8 4.73 -5.47 -5.28
C HIS A 8 3.34 -5.61 -5.93
N PHE A 9 2.30 -5.45 -5.16
CA PHE A 9 0.93 -5.58 -5.71
C PHE A 9 0.76 -4.68 -6.94
N GLN A 10 -0.16 -5.00 -7.80
CA GLN A 10 -0.36 -4.16 -9.01
C GLN A 10 -1.20 -2.92 -8.68
N SER A 11 -2.48 -3.09 -8.48
CA SER A 11 -3.34 -1.92 -8.15
C SER A 11 -3.64 -1.88 -6.65
N CYS A 12 -4.53 -1.02 -6.23
CA CYS A 12 -4.86 -0.94 -4.78
C CYS A 12 -5.69 -2.16 -4.36
N SER A 13 -6.17 -2.91 -5.31
CA SER A 13 -7.00 -4.10 -4.97
C SER A 13 -6.32 -4.95 -3.90
N GLN A 14 -5.15 -5.46 -4.17
CA GLN A 14 -4.46 -6.31 -3.15
C GLN A 14 -3.83 -5.43 -2.06
N CYS A 15 -3.42 -4.25 -2.42
CA CYS A 15 -2.80 -3.34 -1.39
C CYS A 15 -3.65 -3.29 -0.13
N LEU A 16 -4.95 -3.35 -0.28
CA LEU A 16 -5.82 -3.29 0.93
C LEU A 16 -6.51 -4.64 1.18
N SER A 17 -6.49 -5.54 0.23
CA SER A 17 -7.16 -6.86 0.46
C SER A 17 -6.27 -7.77 1.32
N ALA A 18 -5.03 -7.43 1.50
CA ALA A 18 -4.13 -8.29 2.33
C ALA A 18 -3.18 -7.43 3.16
N PRO A 19 -3.75 -6.69 4.07
CA PRO A 19 -2.95 -5.81 4.96
C PRO A 19 -2.18 -6.59 6.06
N PRO A 20 -2.68 -7.72 6.49
CA PRO A 20 -1.97 -8.48 7.55
C PRO A 20 -0.73 -9.16 7.00
N PHE A 21 -0.58 -9.20 5.70
CA PHE A 21 0.63 -9.86 5.11
C PHE A 21 1.48 -8.81 4.38
N VAL A 22 1.22 -7.55 4.61
CA VAL A 22 2.02 -6.50 3.93
C VAL A 22 2.24 -5.31 4.86
N GLN A 23 3.08 -4.38 4.45
CA GLN A 23 3.34 -3.19 5.31
C GLN A 23 3.11 -1.89 4.51
N CYS A 24 3.14 -1.97 3.21
CA CYS A 24 2.93 -0.74 2.39
C CYS A 24 1.44 -0.34 2.39
N GLY A 25 1.15 0.81 1.86
CA GLY A 25 -0.26 1.29 1.81
C GLY A 25 -0.42 2.20 0.60
N TRP A 26 -1.57 2.76 0.39
CA TRP A 26 -1.73 3.65 -0.80
C TRP A 26 -1.34 5.08 -0.41
N CYS A 27 -0.65 5.79 -1.26
CA CYS A 27 -0.24 7.18 -0.88
C CYS A 27 -0.44 8.18 -2.02
N HIS A 28 -1.52 8.92 -1.98
CA HIS A 28 -1.77 9.96 -3.02
C HIS A 28 -1.47 9.46 -4.44
N ASP A 29 -1.43 8.17 -4.67
CA ASP A 29 -1.14 7.70 -6.07
C ASP A 29 -0.88 6.19 -6.10
N LYS A 30 0.36 5.78 -6.02
CA LYS A 30 0.66 4.32 -6.08
C LYS A 30 0.69 3.69 -4.69
N CYS A 31 0.96 2.41 -4.62
CA CYS A 31 0.99 1.71 -3.32
C CYS A 31 2.35 1.88 -2.63
N VAL A 32 2.41 2.68 -1.60
CA VAL A 32 3.71 2.88 -0.88
C VAL A 32 3.42 3.15 0.60
N ARG A 33 4.44 3.24 1.41
CA ARG A 33 4.20 3.51 2.86
C ARG A 33 4.83 4.84 3.27
N SER A 34 4.55 5.26 4.47
CA SER A 34 5.12 6.56 4.95
C SER A 34 6.57 6.74 4.49
N GLU A 35 7.33 5.69 4.49
CA GLU A 35 8.76 5.82 4.06
C GLU A 35 8.85 6.23 2.58
N GLU A 36 7.99 5.73 1.75
CA GLU A 36 8.05 6.09 0.30
C GLU A 36 7.07 7.23 -0.01
N CYS A 37 6.28 7.62 0.96
CA CYS A 37 5.31 8.72 0.71
C CYS A 37 6.04 10.05 0.56
N LEU A 38 6.04 10.62 -0.62
CA LEU A 38 6.74 11.91 -0.83
C LEU A 38 6.28 12.93 0.21
N SER A 39 5.00 13.14 0.33
CA SER A 39 4.50 14.12 1.34
C SER A 39 4.68 13.55 2.75
N GLY A 40 3.79 13.87 3.65
CA GLY A 40 3.92 13.35 5.04
C GLY A 40 2.62 12.65 5.44
N THR A 41 1.93 12.07 4.49
CA THR A 41 0.65 11.38 4.82
C THR A 41 0.63 9.98 4.19
N TRP A 42 -0.16 9.09 4.75
CA TRP A 42 -0.24 7.71 4.19
C TRP A 42 -1.66 7.17 4.41
N THR A 43 -2.19 6.45 3.45
CA THR A 43 -3.59 5.93 3.63
C THR A 43 -3.67 4.45 3.25
N GLN A 44 -4.66 3.77 3.76
CA GLN A 44 -4.81 2.32 3.45
C GLN A 44 -6.29 1.99 3.23
N GLN A 45 -7.03 2.90 2.64
CA GLN A 45 -8.48 2.65 2.40
C GLN A 45 -8.95 3.45 1.19
N ILE A 46 -9.18 2.78 0.08
CA ILE A 46 -9.64 3.52 -1.14
C ILE A 46 -10.54 2.62 -2.00
N CYS A 47 -10.15 1.39 -2.21
CA CYS A 47 -10.99 0.49 -3.05
C CYS A 47 -11.29 -0.82 -2.29
N LEU A 48 -12.49 -1.32 -2.40
CA LEU A 48 -12.85 -2.57 -1.70
C LEU A 48 -13.18 -3.67 -2.71
N GLY A 1 8.95 -7.44 3.12
CA GLY A 1 9.30 -8.72 3.78
C GLY A 1 8.05 -9.60 3.88
N SER A 2 7.93 -10.36 4.94
CA SER A 2 6.74 -11.25 5.09
C SER A 2 6.62 -12.20 3.89
N ALA A 3 5.83 -11.85 2.91
CA ALA A 3 5.69 -12.75 1.72
C ALA A 3 5.94 -11.96 0.44
N MET A 4 4.99 -11.17 0.02
CA MET A 4 5.17 -10.37 -1.23
C MET A 4 4.95 -8.89 -0.96
N GLY A 5 4.55 -8.55 0.25
CA GLY A 5 4.32 -7.12 0.58
C GLY A 5 3.27 -6.53 -0.36
N CYS A 6 2.71 -5.41 -0.02
CA CYS A 6 1.68 -4.78 -0.90
C CYS A 6 2.36 -3.88 -1.94
N ARG A 7 3.60 -3.55 -1.73
CA ARG A 7 4.30 -2.68 -2.73
C ARG A 7 4.34 -3.41 -4.07
N HIS A 8 4.28 -4.71 -4.05
CA HIS A 8 4.30 -5.50 -5.32
C HIS A 8 2.91 -5.47 -5.95
N PHE A 9 1.89 -5.40 -5.15
CA PHE A 9 0.50 -5.37 -5.70
C PHE A 9 0.41 -4.32 -6.81
N GLN A 10 -0.31 -4.62 -7.86
CA GLN A 10 -0.44 -3.64 -8.98
C GLN A 10 -1.48 -2.56 -8.65
N SER A 11 -2.65 -2.96 -8.26
CA SER A 11 -3.70 -1.95 -7.92
C SER A 11 -3.83 -1.79 -6.41
N CYS A 12 -4.83 -1.08 -5.95
CA CYS A 12 -5.00 -0.88 -4.48
C CYS A 12 -5.83 -2.04 -3.89
N SER A 13 -6.54 -2.75 -4.72
CA SER A 13 -7.36 -3.88 -4.20
C SER A 13 -6.52 -4.76 -3.28
N GLN A 14 -5.44 -5.30 -3.79
CA GLN A 14 -4.58 -6.17 -2.94
C GLN A 14 -3.94 -5.34 -1.82
N CYS A 15 -3.58 -4.11 -2.10
CA CYS A 15 -2.94 -3.27 -1.06
C CYS A 15 -3.75 -3.31 0.24
N LEU A 16 -5.05 -3.26 0.16
CA LEU A 16 -5.87 -3.28 1.39
C LEU A 16 -6.62 -4.61 1.51
N SER A 17 -6.44 -5.50 0.58
CA SER A 17 -7.13 -6.82 0.65
C SER A 17 -6.19 -7.85 1.30
N ALA A 18 -4.97 -7.46 1.52
CA ALA A 18 -3.99 -8.39 2.16
C ALA A 18 -3.06 -7.59 3.08
N PRO A 19 -3.67 -6.97 4.05
CA PRO A 19 -2.91 -6.14 5.03
C PRO A 19 -2.08 -6.99 6.02
N PRO A 20 -2.52 -8.20 6.33
CA PRO A 20 -1.75 -9.02 7.30
C PRO A 20 -0.48 -9.58 6.65
N PHE A 21 -0.39 -9.51 5.34
CA PHE A 21 0.81 -10.04 4.65
C PHE A 21 1.59 -8.90 3.95
N VAL A 22 1.35 -7.68 4.35
CA VAL A 22 2.08 -6.55 3.70
C VAL A 22 2.39 -5.46 4.72
N GLN A 23 2.81 -4.31 4.25
CA GLN A 23 3.14 -3.19 5.19
C GLN A 23 2.88 -1.84 4.51
N CYS A 24 3.19 -1.72 3.25
CA CYS A 24 2.97 -0.41 2.57
C CYS A 24 1.47 -0.07 2.52
N GLY A 25 1.17 1.13 2.11
CA GLY A 25 -0.26 1.56 2.04
C GLY A 25 -0.45 2.39 0.78
N TRP A 26 -1.62 2.91 0.57
CA TRP A 26 -1.85 3.72 -0.66
C TRP A 26 -1.50 5.18 -0.36
N CYS A 27 -0.77 5.81 -1.24
CA CYS A 27 -0.38 7.23 -0.98
C CYS A 27 -0.63 8.11 -2.21
N HIS A 28 -1.72 8.80 -2.23
CA HIS A 28 -2.05 9.72 -3.36
C HIS A 28 -2.02 9.02 -4.73
N ASP A 29 -1.78 7.73 -4.82
CA ASP A 29 -1.77 7.08 -6.17
C ASP A 29 -1.21 5.66 -6.12
N LYS A 30 0.07 5.49 -5.88
CA LYS A 30 0.65 4.12 -5.86
C LYS A 30 0.62 3.53 -4.45
N CYS A 31 1.02 2.29 -4.32
CA CYS A 31 1.02 1.63 -2.98
C CYS A 31 2.39 1.79 -2.31
N VAL A 32 2.48 2.66 -1.34
CA VAL A 32 3.76 2.87 -0.63
C VAL A 32 3.49 3.25 0.82
N ARG A 33 4.49 3.30 1.65
CA ARG A 33 4.26 3.68 3.08
C ARG A 33 4.91 5.03 3.37
N SER A 34 4.67 5.56 4.54
CA SER A 34 5.25 6.89 4.89
C SER A 34 6.72 6.98 4.47
N GLU A 35 7.45 5.90 4.60
CA GLU A 35 8.89 5.94 4.20
C GLU A 35 9.04 6.16 2.69
N GLU A 36 7.99 6.01 1.94
CA GLU A 36 8.09 6.22 0.48
C GLU A 36 7.17 7.37 0.03
N CYS A 37 6.27 7.80 0.88
CA CYS A 37 5.36 8.91 0.50
C CYS A 37 6.15 10.23 0.41
N LEU A 38 5.86 11.03 -0.57
CA LEU A 38 6.59 12.33 -0.71
C LEU A 38 6.56 13.09 0.62
N SER A 39 5.42 13.61 0.99
CA SER A 39 5.32 14.36 2.27
C SER A 39 5.06 13.39 3.43
N GLY A 40 5.01 13.89 4.63
CA GLY A 40 4.75 12.99 5.80
C GLY A 40 3.27 12.60 5.82
N THR A 41 2.77 12.04 4.75
CA THR A 41 1.33 11.63 4.71
C THR A 41 1.20 10.23 4.12
N TRP A 42 0.28 9.46 4.62
CA TRP A 42 0.09 8.07 4.10
C TRP A 42 -1.39 7.67 4.24
N THR A 43 -1.94 7.03 3.24
CA THR A 43 -3.38 6.63 3.37
C THR A 43 -3.58 5.19 2.92
N GLN A 44 -4.78 4.68 3.05
CA GLN A 44 -5.06 3.29 2.64
C GLN A 44 -6.49 3.19 2.10
N GLN A 45 -6.70 3.68 0.91
CA GLN A 45 -8.07 3.63 0.31
C GLN A 45 -8.30 2.26 -0.33
N ILE A 46 -9.40 1.62 0.00
CA ILE A 46 -9.70 0.29 -0.59
C ILE A 46 -10.48 0.44 -1.89
N CYS A 47 -10.14 -0.34 -2.88
CA CYS A 47 -10.87 -0.24 -4.18
C CYS A 47 -12.00 -1.26 -4.22
N LEU A 48 -12.95 -1.08 -5.11
CA LEU A 48 -14.08 -2.05 -5.20
C LEU A 48 -13.90 -2.97 -6.41
N GLY A 1 12.19 -2.04 3.69
CA GLY A 1 11.98 -3.20 4.61
C GLY A 1 12.15 -4.50 3.82
N SER A 2 11.38 -5.51 4.15
CA SER A 2 11.50 -6.81 3.43
C SER A 2 10.14 -7.21 2.82
N ALA A 3 9.12 -7.26 3.63
CA ALA A 3 7.78 -7.64 3.09
C ALA A 3 7.51 -6.94 1.77
N MET A 4 7.46 -7.67 0.69
CA MET A 4 7.20 -7.04 -0.64
C MET A 4 5.85 -7.52 -1.19
N GLY A 5 4.80 -7.36 -0.44
CA GLY A 5 3.47 -7.80 -0.94
C GLY A 5 2.67 -6.57 -1.38
N CYS A 6 2.45 -5.64 -0.50
CA CYS A 6 1.69 -4.41 -0.87
C CYS A 6 2.39 -3.69 -2.02
N ARG A 7 3.67 -3.45 -1.90
CA ARG A 7 4.40 -2.77 -3.00
C ARG A 7 4.50 -3.69 -4.22
N HIS A 8 4.20 -4.96 -4.04
CA HIS A 8 4.27 -5.91 -5.18
C HIS A 8 2.89 -6.05 -5.83
N PHE A 9 1.85 -5.68 -5.13
CA PHE A 9 0.49 -5.79 -5.71
C PHE A 9 0.33 -4.80 -6.87
N GLN A 10 -0.53 -5.10 -7.79
CA GLN A 10 -0.73 -4.18 -8.96
C GLN A 10 -1.46 -2.89 -8.52
N SER A 11 -2.74 -2.96 -8.31
CA SER A 11 -3.49 -1.74 -7.89
C SER A 11 -3.67 -1.70 -6.37
N CYS A 12 -4.78 -1.20 -5.92
CA CYS A 12 -5.02 -1.12 -4.45
C CYS A 12 -5.81 -2.33 -3.96
N SER A 13 -6.34 -3.11 -4.86
CA SER A 13 -7.13 -4.31 -4.45
C SER A 13 -6.37 -5.13 -3.42
N GLN A 14 -5.20 -5.61 -3.78
CA GLN A 14 -4.42 -6.45 -2.82
C GLN A 14 -3.72 -5.55 -1.79
N CYS A 15 -3.33 -4.37 -2.17
CA CYS A 15 -2.63 -3.46 -1.20
C CYS A 15 -3.52 -3.23 0.02
N LEU A 16 -4.81 -3.26 -0.16
CA LEU A 16 -5.73 -3.04 1.00
C LEU A 16 -6.46 -4.34 1.35
N SER A 17 -6.37 -5.33 0.51
CA SER A 17 -7.05 -6.63 0.80
C SER A 17 -6.12 -7.55 1.59
N ALA A 18 -4.87 -7.21 1.67
CA ALA A 18 -3.92 -8.07 2.44
C ALA A 18 -2.90 -7.19 3.17
N PRO A 19 -3.41 -6.36 4.05
CA PRO A 19 -2.55 -5.46 4.84
C PRO A 19 -1.77 -6.17 5.95
N PRO A 20 -2.29 -7.27 6.48
CA PRO A 20 -1.56 -7.98 7.56
C PRO A 20 -0.35 -8.72 6.98
N PHE A 21 -0.41 -9.09 5.73
CA PHE A 21 0.72 -9.81 5.11
C PHE A 21 1.66 -8.81 4.42
N VAL A 22 1.35 -7.54 4.53
CA VAL A 22 2.20 -6.50 3.90
C VAL A 22 2.35 -5.29 4.84
N GLN A 23 3.02 -4.25 4.41
CA GLN A 23 3.16 -3.07 5.32
C GLN A 23 3.09 -1.75 4.52
N CYS A 24 2.87 -1.81 3.24
CA CYS A 24 2.81 -0.54 2.45
C CYS A 24 1.34 -0.10 2.32
N GLY A 25 1.10 1.05 1.75
CA GLY A 25 -0.31 1.56 1.62
C GLY A 25 -0.42 2.39 0.35
N TRP A 26 -1.57 2.95 0.09
CA TRP A 26 -1.74 3.77 -1.14
C TRP A 26 -1.36 5.22 -0.84
N CYS A 27 -0.61 5.84 -1.72
CA CYS A 27 -0.21 7.25 -1.47
C CYS A 27 -0.40 8.13 -2.71
N HIS A 28 -1.47 8.85 -2.76
CA HIS A 28 -1.75 9.77 -3.91
C HIS A 28 -1.83 9.07 -5.28
N ASP A 29 -1.47 7.82 -5.42
CA ASP A 29 -1.58 7.18 -6.78
C ASP A 29 -0.89 5.81 -6.84
N LYS A 30 0.19 5.63 -6.13
CA LYS A 30 0.88 4.30 -6.20
C LYS A 30 0.87 3.59 -4.84
N CYS A 31 1.10 2.30 -4.85
CA CYS A 31 1.13 1.54 -3.58
C CYS A 31 2.48 1.74 -2.87
N VAL A 32 2.52 2.54 -1.85
CA VAL A 32 3.80 2.79 -1.13
C VAL A 32 3.54 3.15 0.34
N ARG A 33 4.57 3.30 1.12
CA ARG A 33 4.37 3.65 2.55
C ARG A 33 5.13 4.94 2.89
N SER A 34 4.99 5.43 4.09
CA SER A 34 5.70 6.68 4.48
C SER A 34 7.16 6.61 4.00
N GLU A 35 7.74 5.44 4.01
CA GLU A 35 9.15 5.29 3.55
C GLU A 35 9.36 6.03 2.23
N GLU A 36 8.46 5.85 1.29
CA GLU A 36 8.60 6.54 -0.02
C GLU A 36 7.91 7.91 0.03
N CYS A 37 6.76 8.00 0.63
CA CYS A 37 6.05 9.30 0.71
C CYS A 37 6.60 10.13 1.88
N LEU A 38 7.08 11.32 1.61
CA LEU A 38 7.63 12.17 2.70
C LEU A 38 6.59 13.21 3.14
N SER A 39 5.45 13.24 2.50
CA SER A 39 4.41 14.24 2.88
C SER A 39 3.56 13.71 4.02
N GLY A 40 4.07 12.80 4.80
CA GLY A 40 3.27 12.24 5.92
C GLY A 40 1.87 11.92 5.42
N THR A 41 1.73 11.66 4.15
CA THR A 41 0.40 11.34 3.58
C THR A 41 0.32 9.85 3.24
N TRP A 42 -0.49 9.11 3.95
CA TRP A 42 -0.60 7.65 3.66
C TRP A 42 -2.05 7.18 3.81
N THR A 43 -2.64 6.71 2.75
CA THR A 43 -4.04 6.22 2.83
C THR A 43 -4.10 4.72 2.54
N GLN A 44 -4.79 3.97 3.35
CA GLN A 44 -4.87 2.50 3.12
C GLN A 44 -6.34 2.04 3.04
N GLN A 45 -7.19 2.86 2.47
CA GLN A 45 -8.62 2.47 2.36
C GLN A 45 -9.29 3.24 1.23
N ILE A 46 -9.53 2.60 0.12
CA ILE A 46 -10.19 3.29 -1.02
C ILE A 46 -11.02 2.30 -1.84
N CYS A 47 -10.40 1.25 -2.32
CA CYS A 47 -11.13 0.25 -3.12
C CYS A 47 -11.28 -1.06 -2.35
N LEU A 48 -12.04 -1.98 -2.86
CA LEU A 48 -12.23 -3.28 -2.14
C LEU A 48 -11.20 -4.30 -2.63
#